data_6I2K
#
_entry.id   6I2K
#
loop_
_entity.id
_entity.type
_entity.pdbx_description
1 polymer Polyprotein
2 polymer Polyprotein
3 polymer Polyprotein
4 polymer Polyprotein
5 polymer 'Lysosome membrane protein 2'
6 branched alpha-D-mannopyranose-(1-3)-beta-D-mannopyranose-(1-4)-2-acetamido-2-deoxy-beta-D-glucopyranose-(1-4)-2-acetamido-2-deoxy-beta-D-glucopyranose
7 branched 2-acetamido-2-deoxy-beta-D-glucopyranose-(1-4)-2-acetamido-2-deoxy-beta-D-glucopyranose
8 branched beta-D-mannopyranose-(1-4)-2-acetamido-2-deoxy-beta-D-glucopyranose-(1-4)-2-acetamido-2-deoxy-beta-D-glucopyranose
9 branched alpha-D-mannopyranose-(1-2)-alpha-D-mannopyranose-(1-2)-alpha-D-mannopyranose-(1-3)-[alpha-D-mannopyranose-(1-2)-alpha-D-mannopyranose-(1-3)-[alpha-D-mannopyranose-(1-2)-alpha-D-mannopyranose-(1-6)]alpha-D-mannopyranose-(1-6)]beta-D-mannopyranose-(1-4)-2-acetamido-2-deoxy-beta-D-glucopyranose-(1-4)-2-acetamido-2-deoxy-beta-D-glucopyranose
10 branched alpha-D-mannopyranose-(1-3)-[alpha-D-mannopyranose-(1-6)]beta-D-mannopyranose-(1-4)-2-acetamido-2-deoxy-beta-D-glucopyranose-(1-4)-2-acetamido-2-deoxy-beta-D-glucopyranose
11 non-polymer 1-(2-aminopyridin-4-yl)-3-[(3S)-5-{4-[(E)-(ethoxyimino)methyl]phenoxy}-3-methylpentyl]imidazolidin-2-one
12 non-polymer 2-acetamido-2-deoxy-beta-D-glucopyranose
#
loop_
_entity_poly.entity_id
_entity_poly.type
_entity_poly.pdbx_seq_one_letter_code
_entity_poly.pdbx_strand_id
1 'polypeptide(L)'
;GDRVADMIESSIGDSVSRALTQALPAPTGQNTQVSSHRLDTGEVPALQAAEIGASSNTSDESMIETRCVLNSHSTAETTL
DSFFSRAGLVGEIDLPLEGTTNPSGYANWDIDITGYAQMRRKVELFTYMRFDAEFTFVACTPTGQVVPQLLQYMFVPPGA
PKPESRESLAWQTATNPSVFVKLTDPPAQVSVPFMSPASAYQWFYDGYPTFGEHKQEKDLEYGACPNNMMGTFSVRTVGS
SKSKYALVVRIYMRMKHVRAWIPRPMRNQNYLFKANPNYAGDSIKPTGTSRNAITTL
;
A
2 'polypeptide(L)'
;SPSAEACGYSDRVAQLTIGNSTITTQEAANIIVGYGEWPSYCSDDDATAVDKPTRPDVSVNRFYTLDTKLWEKSSKGWYW
KFPDVLTETGVFGQNAQFHYLYRSGFCIHVQCNASKFHQGALLVAILPEYVIGTVAGGTGTEDSHPPYIQTQPGADGFEL
QHPYVLDAGIPISQLTVCPHQWINLRTNNCATIIVPYMNTLPFDSALNHCNFGLLVVPISPLDFDQGATPVIPITITLAP
MCSEFAGLRQAVTQ
;
B
3 'polypeptide(L)'
;GFPTELKPGTNQFLTTDDGVSAPILPNFHPTPCIHIPGEVRNLLELCQVETILEVNNVPTNATSLMERLRFPVSAQAGKG
ELCAVFRADPGRDGPWQSTMLGQLCGYYTQWSGSLEVTFMFTGSFMATGKMLIAYTPPGGPLPKDRATAMLGTHVIWDFG
LQSSVTLVIPWISNTHYRAHARDGVFDYYTTGLVSIWYQTNYVVPIGAPNTAYIIALAAAQKNFTMKLCKDTSHILQTAS
IQ
;
C
4 'polypeptide(L)' SHENSNSATEGSTINYTTINYYKDSYAATAGKQSLKQDPDKFANPVKDIFTEMAAPLK D
5 'polypeptide(L)'
;ETGVFQKAVDQSIEKKIVLRNGTEAFDSWEKPPLPVYTQFYFFNVTNPEEILRGETPRVEEVGPYTYRELRNKANIQFGD
NGTTISAVSNKAYVFERDQSVGDPKIDLIRTLNIPVLTVIEWSQVHFLREIIEAMLKAYQQKLFVTHTVDELLWGYKDEI
LSLIHVFRPDISPYFGLFYEKNGTNDGDYVFLTGEDSYLNFTKIVEWNGKTSLDWWITDKCNMINGTDGDSFHPLITKDE
VLYVFPSDFCRSVYITFSDYESVQGLPAFRYKVPAEILANTSDNAGFCIPEGNCLGSGVLNVSICKNGAPIIMSFPHFYQ
ADERFVSAIEGMHPNQEDHETFVDINPLTGIILKAAKRFQINIYVKKLDDFVETGDIRTMVFPVMYLNESVHIDKETASR
LKSMINTTGKHHHHHH
;
E
#
# COMPACT_ATOMS: atom_id res chain seq x y z
N GLY A 1 -49.03 -26.94 -5.81
CA GLY A 1 -50.24 -26.37 -5.23
C GLY A 1 -50.29 -24.87 -5.33
N ASP A 2 -50.09 -24.35 -6.54
CA ASP A 2 -50.08 -22.91 -6.78
C ASP A 2 -50.85 -22.59 -8.05
N ARG A 3 -51.37 -21.36 -8.13
CA ARG A 3 -52.00 -20.84 -9.33
C ARG A 3 -51.21 -19.70 -9.95
N VAL A 4 -50.07 -19.33 -9.35
CA VAL A 4 -49.28 -18.21 -9.85
C VAL A 4 -48.38 -18.68 -10.98
N ALA A 5 -48.08 -17.77 -11.89
CA ALA A 5 -47.20 -18.07 -13.01
C ALA A 5 -45.81 -17.49 -12.81
N ASP A 6 -45.59 -16.83 -11.69
CA ASP A 6 -44.29 -16.26 -11.39
C ASP A 6 -43.32 -17.33 -10.89
N MET A 7 -43.81 -18.29 -10.10
CA MET A 7 -42.90 -19.26 -9.51
C MET A 7 -42.55 -20.40 -10.45
N ILE A 8 -43.45 -20.78 -11.36
CA ILE A 8 -43.19 -21.95 -12.19
C ILE A 8 -42.17 -21.68 -13.29
N GLU A 9 -41.87 -20.42 -13.58
CA GLU A 9 -40.89 -20.09 -14.61
C GLU A 9 -39.54 -19.71 -14.02
N SER A 10 -39.37 -19.83 -12.71
CA SER A 10 -38.33 -19.13 -11.97
C SER A 10 -36.94 -19.66 -12.32
N ARG A 18 -23.54 -22.69 -17.28
CA ARG A 18 -23.64 -21.99 -18.55
C ARG A 18 -22.37 -21.17 -18.78
N ALA A 19 -21.56 -21.61 -19.74
CA ALA A 19 -20.33 -20.92 -20.08
C ALA A 19 -20.37 -20.49 -21.54
N LEU A 20 -19.73 -19.36 -21.84
CA LEU A 20 -19.70 -18.83 -23.19
C LEU A 20 -18.58 -19.40 -24.04
N THR A 21 -17.58 -20.01 -23.43
CA THR A 21 -16.38 -20.41 -24.14
C THR A 21 -16.21 -21.93 -24.12
N GLN A 22 -15.69 -22.46 -25.21
CA GLN A 22 -15.49 -23.90 -25.38
C GLN A 22 -14.00 -24.17 -25.51
N ALA A 23 -13.49 -25.08 -24.70
CA ALA A 23 -12.08 -25.45 -24.75
C ALA A 23 -11.83 -26.37 -25.93
N LEU A 24 -11.26 -25.86 -26.94
CA LEU A 24 -10.89 -26.60 -28.12
C LEU A 24 -9.49 -27.20 -27.95
N PRO A 25 -9.23 -28.39 -28.49
CA PRO A 25 -7.90 -28.97 -28.36
C PRO A 25 -6.92 -28.27 -29.30
N ALA A 26 -5.74 -27.95 -28.77
CA ALA A 26 -4.74 -27.19 -29.50
C ALA A 26 -3.35 -27.73 -29.17
N PRO A 27 -2.91 -28.79 -29.84
CA PRO A 27 -1.60 -29.34 -29.51
C PRO A 27 -0.45 -28.50 -30.04
N THR A 28 -0.58 -27.92 -31.22
CA THR A 28 0.43 -27.05 -31.78
C THR A 28 -0.16 -25.66 -31.99
N GLY A 29 0.71 -24.68 -32.16
CA GLY A 29 0.27 -23.36 -32.55
C GLY A 29 -0.35 -23.39 -33.92
N GLN A 30 -1.27 -22.45 -34.17
CA GLN A 30 -2.11 -22.60 -35.35
C GLN A 30 -1.34 -22.18 -36.60
N ASN A 31 -1.74 -22.77 -37.72
CA ASN A 31 -1.06 -22.54 -38.98
C ASN A 31 -1.42 -21.17 -39.51
N THR A 32 -0.68 -20.73 -40.53
CA THR A 32 -0.92 -19.45 -41.16
C THR A 32 -1.32 -19.72 -42.60
N GLN A 33 -2.59 -19.53 -42.92
CA GLN A 33 -3.03 -19.80 -44.28
C GLN A 33 -2.60 -18.67 -45.20
N VAL A 34 -2.62 -18.95 -46.50
CA VAL A 34 -2.18 -17.98 -47.49
C VAL A 34 -3.19 -16.86 -47.60
N SER A 35 -2.73 -15.63 -47.48
CA SER A 35 -3.55 -14.48 -47.76
C SER A 35 -2.98 -13.71 -48.94
N SER A 36 -3.80 -12.84 -49.50
CA SER A 36 -3.37 -11.97 -50.57
C SER A 36 -3.64 -10.53 -50.17
N HIS A 37 -3.51 -9.59 -51.11
CA HIS A 37 -3.88 -8.24 -50.79
C HIS A 37 -5.40 -8.10 -50.74
N ARG A 38 -5.85 -6.99 -50.18
CA ARG A 38 -7.26 -6.69 -50.16
C ARG A 38 -7.46 -5.19 -50.20
N LEU A 39 -8.32 -4.74 -51.10
CA LEU A 39 -8.63 -3.32 -51.27
C LEU A 39 -10.14 -3.25 -51.08
N ASP A 40 -10.59 -3.21 -49.83
CA ASP A 40 -11.99 -3.43 -49.57
C ASP A 40 -12.46 -2.51 -48.46
N THR A 41 -13.51 -1.76 -48.73
CA THR A 41 -14.11 -0.89 -47.74
C THR A 41 -15.07 -1.68 -46.86
N GLY A 42 -15.67 -1.01 -45.89
CA GLY A 42 -16.68 -1.64 -45.07
C GLY A 42 -16.11 -2.42 -43.92
N GLU A 43 -15.29 -3.42 -44.21
CA GLU A 43 -14.74 -4.29 -43.18
C GLU A 43 -13.27 -3.94 -42.95
N VAL A 44 -12.89 -3.82 -41.67
CA VAL A 44 -11.54 -3.46 -41.29
C VAL A 44 -11.06 -4.34 -40.15
N PRO A 45 -10.03 -5.14 -40.34
CA PRO A 45 -9.58 -6.04 -39.28
C PRO A 45 -8.55 -5.41 -38.36
N ALA A 46 -8.01 -4.25 -38.75
CA ALA A 46 -6.98 -3.63 -37.93
C ALA A 46 -7.58 -2.80 -36.82
N LEU A 47 -8.54 -1.93 -37.16
CA LEU A 47 -9.12 -1.00 -36.20
C LEU A 47 -9.96 -1.75 -35.18
N GLN A 48 -9.41 -1.97 -34.01
CA GLN A 48 -10.11 -2.66 -32.93
C GLN A 48 -10.64 -1.62 -31.96
N ALA A 49 -11.34 -2.08 -30.93
CA ALA A 49 -11.79 -1.22 -29.85
C ALA A 49 -11.25 -1.80 -28.55
N ALA A 50 -10.17 -1.19 -28.04
CA ALA A 50 -9.53 -1.71 -26.85
C ALA A 50 -10.28 -1.38 -25.58
N GLU A 51 -11.21 -0.42 -25.65
CA GLU A 51 -12.06 -0.11 -24.51
C GLU A 51 -13.15 -1.14 -24.26
N ILE A 52 -13.32 -2.12 -25.16
CA ILE A 52 -14.19 -3.25 -24.86
C ILE A 52 -13.60 -4.06 -23.74
N GLY A 53 -12.28 -4.09 -23.62
CA GLY A 53 -11.65 -4.97 -22.69
C GLY A 53 -11.44 -6.36 -23.21
N ALA A 54 -11.46 -6.54 -24.51
CA ALA A 54 -11.13 -7.80 -25.13
C ALA A 54 -9.77 -7.68 -25.79
N SER A 55 -8.97 -8.74 -25.67
CA SER A 55 -7.78 -8.84 -26.49
C SER A 55 -8.19 -8.94 -27.96
N SER A 56 -7.38 -8.35 -28.82
CA SER A 56 -7.77 -8.18 -30.21
C SER A 56 -7.63 -9.47 -30.99
N ASN A 57 -8.67 -9.78 -31.78
CA ASN A 57 -8.70 -10.97 -32.59
C ASN A 57 -8.18 -10.75 -34.00
N THR A 58 -7.31 -9.77 -34.20
CA THR A 58 -6.70 -9.56 -35.50
C THR A 58 -5.57 -10.57 -35.71
N SER A 59 -5.59 -11.24 -36.85
CA SER A 59 -4.62 -12.28 -37.14
C SER A 59 -3.51 -11.75 -38.05
N ASP A 60 -2.59 -12.64 -38.42
CA ASP A 60 -1.51 -12.24 -39.32
C ASP A 60 -2.03 -11.98 -40.73
N GLU A 61 -2.97 -12.81 -41.19
CA GLU A 61 -3.32 -12.87 -42.60
C GLU A 61 -4.03 -11.61 -43.05
N SER A 62 -4.76 -10.96 -42.16
CA SER A 62 -5.50 -9.76 -42.50
C SER A 62 -4.73 -8.49 -42.19
N MET A 63 -3.41 -8.57 -42.08
CA MET A 63 -2.55 -7.40 -41.94
C MET A 63 -1.39 -7.38 -42.92
N ILE A 64 -1.03 -8.53 -43.48
CA ILE A 64 0.16 -8.67 -44.31
C ILE A 64 -0.03 -9.91 -45.16
N GLU A 65 0.54 -9.90 -46.38
CA GLU A 65 0.45 -11.07 -47.24
C GLU A 65 1.35 -12.17 -46.71
N THR A 66 0.76 -13.28 -46.29
CA THR A 66 1.48 -14.37 -45.64
C THR A 66 1.49 -15.62 -46.51
N ARG A 67 2.36 -16.55 -46.14
CA ARG A 67 2.53 -17.82 -46.82
C ARG A 67 1.95 -18.95 -45.97
N CYS A 68 1.79 -20.11 -46.59
CA CYS A 68 1.27 -21.28 -45.89
C CYS A 68 2.36 -21.85 -45.00
N VAL A 69 2.24 -21.65 -43.70
CA VAL A 69 3.19 -22.15 -42.73
C VAL A 69 2.49 -23.22 -41.90
N LEU A 70 2.93 -24.46 -42.04
CA LEU A 70 2.38 -25.54 -41.23
C LEU A 70 3.11 -25.53 -39.90
N ASN A 71 2.47 -24.96 -38.89
CA ASN A 71 3.09 -24.77 -37.59
C ASN A 71 3.03 -26.09 -36.83
N SER A 72 4.18 -26.71 -36.61
CA SER A 72 4.28 -27.92 -35.82
C SER A 72 4.97 -27.68 -34.48
N HIS A 73 4.92 -26.45 -33.99
CA HIS A 73 5.56 -26.13 -32.72
C HIS A 73 4.63 -26.54 -31.58
N SER A 74 5.09 -27.45 -30.73
CA SER A 74 4.22 -28.00 -29.71
C SER A 74 4.00 -27.03 -28.56
N THR A 75 2.82 -27.12 -27.96
CA THR A 75 2.46 -26.30 -26.81
C THR A 75 2.39 -27.15 -25.54
N ALA A 76 3.30 -28.11 -25.39
CA ALA A 76 3.26 -28.99 -24.25
C ALA A 76 4.18 -28.56 -23.12
N GLU A 77 5.17 -27.74 -23.44
CA GLU A 77 6.07 -27.26 -22.40
C GLU A 77 5.40 -26.21 -21.54
N THR A 78 4.36 -25.55 -22.04
CA THR A 78 3.72 -24.45 -21.34
C THR A 78 2.50 -24.87 -20.53
N THR A 79 2.20 -26.15 -20.41
CA THR A 79 1.11 -26.56 -19.54
C THR A 79 1.50 -26.35 -18.08
N LEU A 80 0.52 -26.43 -17.19
CA LEU A 80 0.80 -26.20 -15.78
C LEU A 80 1.58 -27.35 -15.17
N ASP A 81 1.44 -28.55 -15.70
CA ASP A 81 2.18 -29.67 -15.16
C ASP A 81 3.63 -29.68 -15.61
N SER A 82 3.99 -28.89 -16.61
CA SER A 82 5.38 -28.76 -17.02
C SER A 82 6.02 -27.48 -16.52
N PHE A 83 5.21 -26.53 -16.08
CA PHE A 83 5.71 -25.27 -15.55
C PHE A 83 5.93 -25.34 -14.06
N PHE A 84 5.22 -26.21 -13.35
CA PHE A 84 5.32 -26.26 -11.91
C PHE A 84 6.03 -27.49 -11.37
N SER A 85 6.15 -28.57 -12.14
CA SER A 85 6.73 -29.81 -11.62
C SER A 85 8.25 -29.78 -11.62
N ARG A 86 8.81 -28.77 -10.95
CA ARG A 86 10.24 -28.63 -10.75
C ARG A 86 10.45 -28.39 -9.26
N ALA A 87 11.34 -29.16 -8.66
CA ALA A 87 11.53 -29.07 -7.21
C ALA A 87 12.26 -27.79 -6.85
N GLY A 88 11.57 -26.87 -6.20
CA GLY A 88 12.18 -25.63 -5.79
C GLY A 88 12.35 -25.58 -4.28
N LEU A 89 13.34 -24.81 -3.86
CA LEU A 89 13.67 -24.71 -2.43
C LEU A 89 12.59 -23.91 -1.73
N VAL A 90 11.86 -24.55 -0.82
CA VAL A 90 10.80 -23.88 -0.08
C VAL A 90 11.05 -23.83 1.41
N GLY A 91 12.07 -24.51 1.92
CA GLY A 91 12.33 -24.45 3.34
C GLY A 91 13.74 -24.85 3.68
N GLU A 92 14.27 -24.28 4.75
CA GLU A 92 15.57 -24.63 5.26
C GLU A 92 15.49 -24.71 6.78
N ILE A 93 16.01 -25.79 7.35
CA ILE A 93 15.93 -26.05 8.77
C ILE A 93 17.34 -26.21 9.30
N ASP A 94 17.69 -25.42 10.32
CA ASP A 94 19.03 -25.46 10.92
C ASP A 94 18.97 -26.18 12.25
N LEU A 95 19.92 -27.09 12.47
CA LEU A 95 20.06 -27.81 13.73
C LEU A 95 21.49 -27.69 14.23
N PRO A 96 21.91 -26.51 14.69
CA PRO A 96 23.31 -26.29 15.02
C PRO A 96 23.68 -26.94 16.35
N LEU A 97 24.99 -27.05 16.57
CA LEU A 97 25.48 -27.65 17.80
C LEU A 97 25.21 -26.76 19.00
N GLU A 98 25.76 -25.55 18.98
CA GLU A 98 25.53 -24.55 20.00
C GLU A 98 25.08 -23.27 19.32
N GLY A 99 24.08 -22.62 19.91
CA GLY A 99 23.67 -21.32 19.40
C GLY A 99 22.43 -20.84 20.13
N THR A 100 21.65 -20.01 19.42
CA THR A 100 20.36 -19.56 19.89
C THR A 100 19.22 -20.28 19.16
N THR A 101 19.28 -20.27 17.84
CA THR A 101 18.21 -20.86 17.01
C THR A 101 18.36 -22.37 17.04
N ASN A 102 17.49 -23.03 17.81
CA ASN A 102 17.39 -24.49 17.98
C ASN A 102 18.69 -25.11 18.49
N PRO A 103 19.10 -24.86 19.73
CA PRO A 103 20.39 -25.39 20.20
C PRO A 103 20.34 -26.82 20.69
N SER A 104 19.14 -27.41 20.80
CA SER A 104 18.98 -28.71 21.43
C SER A 104 18.54 -29.79 20.44
N GLY A 105 18.81 -29.59 19.16
CA GLY A 105 18.64 -30.66 18.19
C GLY A 105 17.20 -31.00 17.83
N TYR A 106 16.30 -30.04 17.84
CA TYR A 106 15.00 -30.22 17.23
C TYR A 106 14.63 -28.91 16.58
N ALA A 107 13.74 -28.98 15.59
CA ALA A 107 13.27 -27.75 14.96
C ALA A 107 11.87 -27.97 14.43
N ASN A 108 10.98 -27.04 14.76
CA ASN A 108 9.61 -27.06 14.26
C ASN A 108 9.51 -26.01 13.16
N TRP A 109 9.39 -26.46 11.93
CA TRP A 109 9.21 -25.59 10.78
C TRP A 109 7.78 -25.77 10.29
N ASP A 110 6.94 -24.77 10.53
CA ASP A 110 5.57 -24.85 10.06
C ASP A 110 5.52 -24.64 8.55
N ILE A 111 4.71 -25.45 7.88
CA ILE A 111 4.79 -25.57 6.44
C ILE A 111 4.14 -24.35 5.78
N ASP A 112 4.99 -23.40 5.39
CA ASP A 112 4.62 -22.24 4.61
C ASP A 112 5.67 -22.11 3.52
N ILE A 113 5.28 -22.35 2.28
CA ILE A 113 6.25 -22.46 1.20
C ILE A 113 6.46 -21.12 0.51
N THR A 114 6.00 -20.05 1.16
CA THR A 114 6.18 -18.70 0.68
C THR A 114 7.37 -18.01 1.33
N GLY A 115 8.40 -18.76 1.70
CA GLY A 115 9.57 -18.20 2.35
C GLY A 115 10.74 -17.95 1.44
N TYR A 116 10.68 -18.37 0.19
CA TYR A 116 11.77 -18.21 -0.76
C TYR A 116 11.17 -17.76 -2.08
N ALA A 117 11.86 -16.84 -2.75
CA ALA A 117 11.19 -16.02 -3.74
C ALA A 117 11.27 -16.55 -5.16
N GLN A 118 11.74 -17.77 -5.38
CA GLN A 118 11.61 -18.31 -6.73
C GLN A 118 10.40 -19.23 -6.85
N MET A 119 10.17 -20.09 -5.86
CA MET A 119 8.94 -20.86 -5.89
C MET A 119 7.74 -19.98 -5.58
N ARG A 120 7.91 -18.98 -4.72
CA ARG A 120 6.79 -18.10 -4.37
C ARG A 120 6.37 -17.22 -5.53
N ARG A 121 7.33 -16.79 -6.36
CA ARG A 121 7.03 -15.90 -7.47
C ARG A 121 6.18 -16.60 -8.53
N LYS A 122 6.44 -17.89 -8.79
CA LYS A 122 5.67 -18.58 -9.81
C LYS A 122 4.26 -18.88 -9.34
N VAL A 123 4.11 -19.36 -8.11
CA VAL A 123 2.80 -19.80 -7.64
C VAL A 123 1.92 -18.65 -7.18
N GLU A 124 2.43 -17.43 -7.19
CA GLU A 124 1.64 -16.26 -6.92
C GLU A 124 1.11 -15.64 -8.20
N LEU A 125 1.43 -16.25 -9.34
CA LEU A 125 0.77 -15.89 -10.59
C LEU A 125 -0.70 -16.25 -10.56
N PHE A 126 -1.05 -17.34 -9.89
CA PHE A 126 -2.42 -17.78 -9.81
C PHE A 126 -2.96 -17.55 -8.41
N THR A 127 -4.26 -17.37 -8.31
CA THR A 127 -4.85 -17.14 -7.00
C THR A 127 -5.15 -18.46 -6.29
N TYR A 128 -5.86 -19.35 -6.96
CA TYR A 128 -6.24 -20.61 -6.36
C TYR A 128 -5.49 -21.73 -7.06
N MET A 129 -4.79 -22.56 -6.31
CA MET A 129 -4.07 -23.70 -6.86
C MET A 129 -4.40 -24.95 -6.07
N ARG A 130 -4.62 -26.04 -6.78
CA ARG A 130 -4.93 -27.34 -6.22
C ARG A 130 -3.91 -28.33 -6.76
N PHE A 131 -3.10 -28.91 -5.89
CA PHE A 131 -2.00 -29.70 -6.38
C PHE A 131 -1.57 -30.75 -5.36
N ASP A 132 -0.98 -31.82 -5.87
CA ASP A 132 -0.23 -32.76 -5.07
C ASP A 132 1.24 -32.40 -5.15
N ALA A 133 1.99 -32.78 -4.13
CA ALA A 133 3.39 -32.38 -4.08
C ALA A 133 4.22 -33.55 -3.62
N GLU A 134 5.46 -33.63 -4.07
CA GLU A 134 6.39 -34.57 -3.47
C GLU A 134 7.59 -33.83 -2.92
N PHE A 135 7.68 -33.81 -1.60
CA PHE A 135 8.72 -33.12 -0.86
C PHE A 135 9.96 -33.99 -0.80
N THR A 136 11.12 -33.35 -0.77
CA THR A 136 12.39 -34.06 -0.67
C THR A 136 13.27 -33.31 0.29
N PHE A 137 13.94 -34.03 1.18
CA PHE A 137 14.62 -33.43 2.32
C PHE A 137 16.11 -33.71 2.21
N VAL A 138 16.84 -32.80 1.59
CA VAL A 138 18.28 -32.96 1.37
C VAL A 138 18.99 -32.41 2.59
N ALA A 139 19.62 -33.29 3.37
CA ALA A 139 20.21 -32.90 4.64
C ALA A 139 21.71 -33.19 4.67
N CYS A 140 22.44 -32.32 5.34
CA CYS A 140 23.91 -32.36 5.35
C CYS A 140 24.41 -31.43 6.45
N THR A 141 25.72 -31.55 6.73
CA THR A 141 26.44 -30.63 7.61
C THR A 141 26.54 -29.27 6.90
N PRO A 142 26.64 -28.16 7.65
CA PRO A 142 26.83 -26.86 6.99
C PRO A 142 28.05 -26.71 6.11
N THR A 143 29.10 -27.49 6.31
CA THR A 143 30.18 -27.47 5.35
C THR A 143 29.86 -28.26 4.10
N GLY A 144 28.79 -29.04 4.10
CA GLY A 144 28.36 -29.77 2.95
C GLY A 144 28.49 -31.27 3.07
N GLN A 145 29.36 -31.76 3.94
CA GLN A 145 29.66 -33.18 3.92
C GLN A 145 28.57 -33.98 4.62
N VAL A 146 28.51 -35.25 4.29
CA VAL A 146 27.54 -36.16 4.88
C VAL A 146 28.19 -36.86 6.07
N VAL A 147 27.41 -37.04 7.13
CA VAL A 147 27.92 -37.62 8.36
C VAL A 147 27.00 -38.77 8.78
N PRO A 148 27.49 -39.82 9.41
CA PRO A 148 26.60 -40.91 9.83
C PRO A 148 25.71 -40.53 11.00
N GLN A 149 24.63 -39.82 10.71
CA GLN A 149 23.71 -39.32 11.73
C GLN A 149 22.31 -39.70 11.32
N LEU A 150 21.52 -40.19 12.28
CA LEU A 150 20.16 -40.61 12.03
C LEU A 150 19.21 -39.47 12.37
N LEU A 151 18.25 -39.22 11.49
CA LEU A 151 17.27 -38.16 11.69
C LEU A 151 15.86 -38.74 11.67
N GLN A 152 14.95 -38.06 12.35
CA GLN A 152 13.53 -38.38 12.25
C GLN A 152 12.79 -37.13 11.83
N TYR A 153 12.12 -37.19 10.70
CA TYR A 153 11.21 -36.14 10.25
C TYR A 153 9.83 -36.59 10.67
N MET A 154 8.99 -35.69 11.13
CA MET A 154 7.59 -36.05 11.30
C MET A 154 6.70 -34.88 10.98
N PHE A 155 5.50 -35.19 10.53
CA PHE A 155 4.53 -34.21 10.08
C PHE A 155 3.43 -34.08 11.11
N VAL A 156 3.30 -32.88 11.66
CA VAL A 156 2.37 -32.56 12.74
C VAL A 156 1.20 -31.80 12.13
N PRO A 157 0.02 -32.42 11.99
CA PRO A 157 -1.13 -31.74 11.42
C PRO A 157 -1.68 -30.70 12.39
N PRO A 158 -2.61 -29.84 11.97
CA PRO A 158 -3.15 -28.85 12.91
C PRO A 158 -4.01 -29.53 13.98
N GLY A 159 -3.51 -29.51 15.21
CA GLY A 159 -4.17 -30.11 16.34
C GLY A 159 -3.33 -31.15 17.04
N ALA A 160 -2.39 -31.77 16.33
CA ALA A 160 -1.51 -32.74 16.93
C ALA A 160 -0.53 -32.05 17.89
N PRO A 161 0.02 -32.77 18.86
CA PRO A 161 0.93 -32.12 19.80
C PRO A 161 2.27 -31.80 19.14
N LYS A 162 2.67 -30.55 19.21
CA LYS A 162 3.99 -30.17 18.77
C LYS A 162 5.03 -30.75 19.71
N PRO A 163 6.08 -31.38 19.21
CA PRO A 163 7.15 -31.81 20.10
C PRO A 163 7.96 -30.63 20.60
N GLU A 164 8.20 -30.62 21.91
CA GLU A 164 8.80 -29.47 22.59
C GLU A 164 10.27 -29.67 22.89
N SER A 165 10.82 -30.85 22.65
CA SER A 165 12.22 -31.13 22.94
C SER A 165 12.66 -32.28 22.06
N ARG A 166 13.94 -32.64 22.17
CA ARG A 166 14.45 -33.75 21.38
C ARG A 166 13.95 -35.09 21.92
N GLU A 167 13.88 -35.22 23.25
CA GLU A 167 13.55 -36.47 23.91
C GLU A 167 12.10 -36.44 24.39
N SER A 168 11.22 -35.86 23.58
CA SER A 168 9.82 -35.69 23.94
C SER A 168 9.04 -36.98 23.74
N LEU A 169 7.76 -36.91 24.10
CA LEU A 169 6.88 -38.05 23.92
C LEU A 169 6.17 -38.03 22.58
N ALA A 170 6.07 -36.87 21.93
CA ALA A 170 5.37 -36.79 20.66
C ALA A 170 6.12 -37.43 19.51
N TRP A 171 7.38 -37.79 19.71
CA TRP A 171 8.17 -38.46 18.69
C TRP A 171 7.90 -39.95 18.63
N GLN A 172 6.95 -40.46 19.40
CA GLN A 172 6.59 -41.87 19.33
C GLN A 172 5.83 -42.20 18.07
N THR A 173 5.31 -41.18 17.37
CA THR A 173 4.56 -41.22 16.10
C THR A 173 3.60 -42.40 15.97
N ALA A 174 2.66 -42.46 16.92
CA ALA A 174 1.69 -43.54 16.92
C ALA A 174 0.72 -43.42 15.75
N THR A 175 0.36 -42.19 15.35
CA THR A 175 -0.47 -41.98 14.18
C THR A 175 0.08 -40.98 13.17
N ASN A 176 1.03 -40.13 13.54
CA ASN A 176 1.60 -39.22 12.56
C ASN A 176 2.50 -39.98 11.60
N PRO A 177 2.63 -39.51 10.35
CA PRO A 177 3.62 -40.10 9.45
C PRO A 177 5.00 -39.57 9.80
N SER A 178 5.99 -40.45 9.79
CA SER A 178 7.35 -40.06 10.13
C SER A 178 8.34 -40.81 9.24
N VAL A 179 9.48 -40.18 9.00
CA VAL A 179 10.51 -40.71 8.11
C VAL A 179 11.81 -40.77 8.89
N PHE A 180 12.40 -41.95 8.99
CA PHE A 180 13.69 -42.15 9.63
C PHE A 180 14.74 -42.35 8.53
N VAL A 181 15.50 -41.32 8.23
CA VAL A 181 16.58 -41.48 7.28
C VAL A 181 17.88 -40.98 7.89
N LYS A 182 18.94 -41.69 7.59
CA LYS A 182 20.29 -41.26 7.93
C LYS A 182 20.89 -40.52 6.75
N LEU A 183 21.94 -39.77 7.01
CA LEU A 183 22.45 -38.85 6.01
C LEU A 183 23.32 -39.52 4.98
N THR A 184 23.73 -40.75 5.22
CA THR A 184 24.44 -41.52 4.20
C THR A 184 23.51 -41.94 3.08
N ASP A 185 22.22 -42.08 3.38
CA ASP A 185 21.21 -42.46 2.40
C ASP A 185 20.99 -41.34 1.37
N PRO A 186 20.32 -41.66 0.25
CA PRO A 186 19.82 -40.60 -0.64
C PRO A 186 18.75 -39.77 0.05
N PRO A 187 18.40 -38.59 -0.50
CA PRO A 187 17.41 -37.73 0.18
C PRO A 187 16.04 -38.38 0.26
N ALA A 188 15.42 -38.26 1.44
CA ALA A 188 14.11 -38.82 1.67
C ALA A 188 13.07 -38.07 0.87
N GLN A 189 12.31 -38.79 0.05
CA GLN A 189 11.33 -38.18 -0.83
C GLN A 189 9.98 -38.83 -0.61
N VAL A 190 9.01 -38.04 -0.14
CA VAL A 190 7.66 -38.53 0.09
C VAL A 190 6.68 -37.62 -0.64
N SER A 191 5.56 -38.19 -1.07
CA SER A 191 4.55 -37.44 -1.78
C SER A 191 3.41 -37.08 -0.84
N VAL A 192 2.85 -35.89 -1.04
CA VAL A 192 1.90 -35.29 -0.12
C VAL A 192 0.64 -34.96 -0.90
N PRO A 193 -0.54 -35.35 -0.44
CA PRO A 193 -1.76 -35.12 -1.20
C PRO A 193 -2.24 -33.68 -1.06
N PHE A 194 -3.41 -33.42 -1.63
CA PHE A 194 -4.09 -32.15 -1.43
C PHE A 194 -4.85 -32.20 -0.12
N MET A 195 -4.37 -31.51 0.90
CA MET A 195 -4.88 -31.74 2.23
C MET A 195 -5.81 -30.66 2.74
N SER A 196 -6.01 -29.59 1.99
CA SER A 196 -6.74 -28.44 2.51
C SER A 196 -8.23 -28.74 2.66
N PRO A 197 -8.90 -28.14 3.63
CA PRO A 197 -10.36 -28.27 3.70
C PRO A 197 -11.08 -27.62 2.55
N ALA A 198 -10.57 -26.51 2.03
CA ALA A 198 -11.17 -25.90 0.87
C ALA A 198 -10.76 -26.64 -0.38
N SER A 199 -11.35 -26.27 -1.49
CA SER A 199 -11.10 -26.98 -2.73
C SER A 199 -9.84 -26.51 -3.45
N ALA A 200 -9.12 -25.54 -2.90
CA ALA A 200 -7.91 -25.04 -3.51
C ALA A 200 -7.10 -24.31 -2.46
N TYR A 201 -5.78 -24.45 -2.51
CA TYR A 201 -4.93 -23.59 -1.70
C TYR A 201 -4.97 -22.19 -2.30
N GLN A 202 -5.55 -21.26 -1.59
CA GLN A 202 -5.55 -19.88 -2.04
C GLN A 202 -4.31 -19.18 -1.49
N TRP A 203 -3.52 -18.62 -2.40
CA TRP A 203 -2.32 -17.91 -2.01
C TRP A 203 -2.63 -16.55 -1.46
N PHE A 204 -3.86 -16.09 -1.67
CA PHE A 204 -4.30 -14.75 -1.31
C PHE A 204 -5.65 -14.85 -0.65
N TYR A 205 -5.75 -14.35 0.57
CA TYR A 205 -7.02 -14.38 1.29
C TYR A 205 -7.26 -12.97 1.76
N ASP A 206 -8.01 -12.21 0.97
CA ASP A 206 -8.37 -10.85 1.37
C ASP A 206 -9.48 -10.93 2.39
N GLY A 207 -9.10 -11.05 3.65
CA GLY A 207 -10.09 -11.12 4.71
C GLY A 207 -9.44 -11.56 6.00
N TYR A 208 -10.26 -11.65 7.00
CA TYR A 208 -9.89 -12.05 8.33
C TYR A 208 -10.46 -13.42 8.65
N PRO A 209 -9.77 -14.23 9.41
CA PRO A 209 -10.30 -15.56 9.71
C PRO A 209 -11.40 -15.54 10.76
N THR A 210 -11.29 -14.67 11.75
CA THR A 210 -12.20 -14.66 12.88
C THR A 210 -13.10 -13.44 12.85
N PHE A 211 -14.25 -13.57 13.48
CA PHE A 211 -15.22 -12.48 13.60
C PHE A 211 -14.76 -11.49 14.67
N GLY A 212 -15.64 -10.54 14.98
CA GLY A 212 -15.38 -9.58 16.03
C GLY A 212 -14.87 -8.27 15.50
N GLU A 213 -14.61 -7.35 16.42
CA GLU A 213 -13.98 -6.10 16.05
C GLU A 213 -12.53 -6.34 15.66
N HIS A 214 -12.03 -5.51 14.75
CA HIS A 214 -10.70 -5.72 14.18
C HIS A 214 -9.84 -4.51 14.52
N LYS A 215 -9.19 -4.59 15.68
CA LYS A 215 -8.37 -3.49 16.16
C LYS A 215 -6.95 -3.62 15.60
N GLN A 216 -6.07 -2.73 16.05
CA GLN A 216 -4.71 -2.72 15.56
C GLN A 216 -3.90 -3.88 16.13
N GLU A 217 -4.29 -4.37 17.30
CA GLU A 217 -3.52 -5.44 17.95
C GLU A 217 -3.70 -6.77 17.25
N LYS A 218 -4.85 -6.98 16.61
CA LYS A 218 -5.14 -8.22 15.92
C LYS A 218 -5.34 -7.98 14.43
N ASP A 219 -4.50 -7.14 13.86
CA ASP A 219 -4.30 -7.10 12.41
C ASP A 219 -3.25 -8.10 11.97
N LEU A 220 -2.70 -8.87 12.90
CA LEU A 220 -1.80 -9.95 12.56
C LEU A 220 -2.54 -11.09 11.86
N GLU A 221 -3.85 -11.17 12.01
CA GLU A 221 -4.63 -12.20 11.35
C GLU A 221 -4.99 -11.85 9.92
N TYR A 222 -4.71 -10.64 9.45
CA TYR A 222 -5.14 -10.27 8.11
C TYR A 222 -4.35 -11.01 7.05
N GLY A 223 -5.07 -11.66 6.13
CA GLY A 223 -4.43 -12.46 5.12
C GLY A 223 -4.10 -13.86 5.55
N ALA A 224 -4.44 -14.24 6.76
CA ALA A 224 -4.13 -15.56 7.29
C ALA A 224 -5.38 -16.41 7.20
N CYS A 225 -5.42 -17.29 6.25
CA CYS A 225 -6.52 -18.21 6.07
C CYS A 225 -6.17 -19.54 6.70
N PRO A 226 -7.06 -20.14 7.48
CA PRO A 226 -6.75 -21.46 8.04
C PRO A 226 -6.80 -22.58 7.03
N ASN A 227 -7.33 -22.36 5.84
CA ASN A 227 -7.34 -23.42 4.84
C ASN A 227 -5.98 -23.62 4.19
N ASN A 228 -5.03 -22.72 4.41
CA ASN A 228 -3.70 -22.84 3.83
C ASN A 228 -2.65 -23.35 4.79
N MET A 229 -2.71 -22.95 6.05
CA MET A 229 -1.75 -23.43 7.05
C MET A 229 -2.09 -24.88 7.37
N MET A 230 -1.24 -25.80 6.93
CA MET A 230 -1.54 -27.22 7.03
C MET A 230 -0.67 -27.94 8.05
N GLY A 231 -0.10 -27.24 9.00
CA GLY A 231 0.52 -27.95 10.10
C GLY A 231 1.93 -27.53 10.42
N THR A 232 2.76 -28.49 10.81
CA THR A 232 4.11 -28.25 11.29
C THR A 232 4.96 -29.44 10.90
N PHE A 233 6.15 -29.18 10.37
CA PHE A 233 7.10 -30.22 10.03
C PHE A 233 8.22 -30.20 11.05
N SER A 234 8.39 -31.30 11.77
CA SER A 234 9.33 -31.37 12.88
C SER A 234 10.43 -32.36 12.58
N VAL A 235 11.65 -32.05 13.02
CA VAL A 235 12.82 -32.87 12.74
C VAL A 235 13.75 -32.85 13.94
N ARG A 236 14.17 -34.03 14.39
CA ARG A 236 15.11 -34.15 15.49
C ARG A 236 16.17 -35.16 15.13
N THR A 237 17.32 -35.02 15.77
CA THR A 237 18.37 -36.02 15.71
C THR A 237 18.02 -37.13 16.68
N VAL A 238 17.89 -38.35 16.18
CA VAL A 238 17.36 -39.46 16.97
C VAL A 238 18.36 -39.82 18.05
N GLY A 239 18.02 -39.55 19.30
CA GLY A 239 18.88 -39.93 20.39
C GLY A 239 18.58 -39.20 21.67
N SER A 240 18.97 -39.79 22.79
CA SER A 240 18.82 -39.13 24.08
C SER A 240 19.90 -38.09 24.31
N SER A 241 21.13 -38.38 23.92
CA SER A 241 22.24 -37.45 24.01
C SER A 241 22.16 -36.45 22.87
N LYS A 242 23.02 -35.44 22.92
CA LYS A 242 23.08 -34.48 21.82
C LYS A 242 23.98 -35.02 20.74
N SER A 243 23.60 -34.78 19.49
CA SER A 243 24.41 -35.24 18.37
C SER A 243 25.63 -34.36 18.22
N LYS A 244 26.70 -34.96 17.68
CA LYS A 244 27.97 -34.28 17.55
C LYS A 244 28.18 -33.67 16.18
N TYR A 245 27.11 -33.38 15.45
CA TYR A 245 27.21 -32.82 14.11
C TYR A 245 26.21 -31.69 13.97
N ALA A 246 26.67 -30.53 13.49
CA ALA A 246 25.76 -29.48 13.09
C ALA A 246 25.08 -29.89 11.79
N LEU A 247 23.83 -29.51 11.61
CA LEU A 247 23.03 -29.99 10.49
C LEU A 247 22.25 -28.86 9.84
N VAL A 248 21.99 -29.01 8.55
CA VAL A 248 20.98 -28.25 7.84
C VAL A 248 20.12 -29.23 7.08
N VAL A 249 18.85 -28.89 6.91
CA VAL A 249 17.90 -29.72 6.18
C VAL A 249 17.20 -28.82 5.18
N ARG A 250 17.49 -29.00 3.90
CA ARG A 250 16.86 -28.22 2.86
C ARG A 250 15.69 -29.00 2.29
N ILE A 251 14.56 -28.32 2.10
CA ILE A 251 13.33 -28.96 1.71
C ILE A 251 12.96 -28.48 0.32
N TYR A 252 12.86 -29.40 -0.63
CA TYR A 252 12.52 -29.11 -2.01
C TYR A 252 11.19 -29.77 -2.31
N MET A 253 10.27 -29.04 -2.93
CA MET A 253 9.01 -29.65 -3.34
C MET A 253 8.70 -29.32 -4.79
N ARG A 254 8.21 -30.32 -5.51
CA ARG A 254 7.70 -30.14 -6.85
C ARG A 254 6.23 -30.47 -6.82
N MET A 255 5.47 -29.80 -7.66
CA MET A 255 4.03 -29.96 -7.64
C MET A 255 3.59 -30.82 -8.81
N LYS A 256 2.67 -31.73 -8.53
CA LYS A 256 2.16 -32.58 -9.59
C LYS A 256 0.65 -32.63 -9.45
N HIS A 257 -0.01 -32.94 -10.56
CA HIS A 257 -1.47 -32.99 -10.70
C HIS A 257 -2.07 -31.62 -10.41
N VAL A 258 -1.48 -30.60 -11.03
CA VAL A 258 -1.76 -29.20 -10.67
C VAL A 258 -2.98 -28.72 -11.41
N ARG A 259 -3.88 -28.04 -10.70
CA ARG A 259 -4.95 -27.26 -11.31
C ARG A 259 -4.90 -25.86 -10.73
N ALA A 260 -4.81 -24.85 -11.58
CA ALA A 260 -4.69 -23.48 -11.12
C ALA A 260 -5.79 -22.62 -11.71
N TRP A 261 -6.34 -21.73 -10.89
CA TRP A 261 -7.45 -20.88 -11.27
C TRP A 261 -7.07 -19.43 -11.08
N ILE A 262 -7.67 -18.57 -11.89
CA ILE A 262 -7.72 -17.12 -11.72
C ILE A 262 -6.32 -16.50 -11.69
N PRO A 263 -5.70 -16.30 -12.84
CA PRO A 263 -4.41 -15.61 -12.89
C PRO A 263 -4.50 -14.19 -12.39
N ARG A 264 -3.34 -13.64 -12.05
CA ARG A 264 -3.25 -12.32 -11.44
C ARG A 264 -1.85 -11.80 -11.70
N PRO A 265 -1.63 -10.48 -11.60
CA PRO A 265 -0.32 -9.92 -11.95
C PRO A 265 0.82 -10.45 -11.09
N MET A 266 1.97 -10.61 -11.71
CA MET A 266 3.12 -11.19 -11.03
C MET A 266 3.91 -10.10 -10.34
N ARG A 267 4.37 -10.42 -9.12
CA ARG A 267 5.12 -9.52 -8.23
C ARG A 267 6.31 -8.87 -8.93
N ASN A 268 6.49 -7.56 -8.71
CA ASN A 268 7.67 -6.87 -9.19
C ASN A 268 8.51 -6.21 -8.11
N GLN A 269 7.92 -5.89 -6.96
CA GLN A 269 8.68 -5.41 -5.83
C GLN A 269 9.24 -6.58 -5.05
N ASN A 270 10.29 -6.31 -4.27
CA ASN A 270 10.93 -7.37 -3.51
C ASN A 270 9.99 -7.88 -2.43
N TYR A 271 10.09 -9.18 -2.14
CA TYR A 271 9.34 -9.71 -1.03
C TYR A 271 10.02 -9.30 0.27
N LEU A 272 9.22 -9.03 1.27
CA LEU A 272 9.79 -8.67 2.55
C LEU A 272 9.40 -9.61 3.68
N PHE A 273 8.18 -10.12 3.71
CA PHE A 273 7.76 -10.98 4.79
C PHE A 273 7.00 -12.16 4.19
N LYS A 274 6.70 -13.14 5.04
CA LYS A 274 5.87 -14.26 4.61
C LYS A 274 4.40 -13.97 4.88
N ALA A 275 3.55 -14.44 3.97
CA ALA A 275 2.09 -14.40 4.08
C ALA A 275 1.52 -12.98 4.13
N ASN A 276 2.19 -12.03 3.48
CA ASN A 276 1.65 -10.71 3.24
C ASN A 276 2.39 -10.07 2.09
N PRO A 277 1.75 -9.25 1.29
CA PRO A 277 2.40 -8.63 0.15
C PRO A 277 3.11 -7.32 0.45
N ASN A 278 3.50 -7.08 1.71
CA ASN A 278 4.21 -5.87 2.09
C ASN A 278 5.44 -5.63 1.24
N TYR A 279 5.62 -4.38 0.82
CA TYR A 279 6.70 -3.99 -0.06
C TYR A 279 7.36 -2.75 0.50
N ALA A 280 8.56 -2.46 0.02
CA ALA A 280 9.32 -1.31 0.51
C ALA A 280 8.71 -0.03 0.00
N GLY A 281 8.55 0.96 0.87
CA GLY A 281 7.79 2.14 0.50
C GLY A 281 8.59 3.21 -0.20
N ASP A 282 9.77 3.54 0.30
CA ASP A 282 10.59 4.53 -0.38
C ASP A 282 11.32 3.95 -1.58
N SER A 283 11.42 2.63 -1.66
CA SER A 283 12.22 1.95 -2.66
C SER A 283 11.34 1.22 -3.67
N ILE A 284 10.27 1.88 -4.10
CA ILE A 284 9.45 1.32 -5.17
C ILE A 284 10.21 1.50 -6.47
N LYS A 285 10.71 0.48 -6.94
CA LYS A 285 11.49 0.46 -8.15
C LYS A 285 10.58 0.18 -9.34
N PRO A 286 10.91 0.66 -10.53
CA PRO A 286 10.10 0.36 -11.71
C PRO A 286 10.25 -1.09 -12.10
N THR A 287 9.25 -1.59 -12.81
CA THR A 287 9.21 -3.02 -13.13
C THR A 287 10.19 -3.43 -14.22
N GLY A 288 10.80 -2.46 -14.92
CA GLY A 288 11.73 -2.76 -15.98
C GLY A 288 12.97 -1.90 -15.87
N THR A 289 13.77 -1.95 -16.93
CA THR A 289 14.88 -1.04 -17.05
C THR A 289 14.39 0.24 -17.70
N SER A 290 15.30 1.21 -17.83
CA SER A 290 14.91 2.53 -18.27
C SER A 290 15.91 3.07 -19.28
N ARG A 291 15.50 4.10 -20.00
CA ARG A 291 16.37 4.75 -20.97
C ARG A 291 16.18 6.25 -20.87
N ASN A 292 17.12 6.98 -21.44
CA ASN A 292 17.18 8.43 -21.24
C ASN A 292 16.10 9.17 -21.99
N ALA A 293 15.78 8.73 -23.20
CA ALA A 293 14.77 9.38 -24.02
C ALA A 293 13.93 8.32 -24.69
N ILE A 294 12.76 8.72 -25.16
CA ILE A 294 11.86 7.77 -25.77
C ILE A 294 12.14 7.59 -27.26
N THR A 295 12.71 8.59 -27.92
CA THR A 295 12.95 8.50 -29.35
C THR A 295 14.26 7.83 -29.70
N THR A 296 15.03 7.37 -28.72
CA THR A 296 16.23 6.60 -28.96
C THR A 296 16.03 5.19 -28.42
N LEU A 297 17.10 4.40 -28.46
CA LEU A 297 17.03 3.05 -27.94
C LEU A 297 17.76 2.92 -26.61
N SER B 10 -25.83 -0.82 -32.16
CA SER B 10 -26.33 -2.07 -31.60
C SER B 10 -25.38 -2.57 -30.54
N ASP B 11 -24.36 -1.78 -30.26
CA ASP B 11 -23.42 -2.13 -29.20
C ASP B 11 -23.22 -0.91 -28.32
N ARG B 12 -23.35 0.27 -28.91
CA ARG B 12 -23.17 1.50 -28.16
C ARG B 12 -24.32 1.76 -27.21
N VAL B 13 -25.50 1.25 -27.51
CA VAL B 13 -26.69 1.49 -26.71
C VAL B 13 -27.13 0.20 -26.04
N ALA B 14 -27.43 0.29 -24.74
CA ALA B 14 -27.76 -0.90 -23.96
C ALA B 14 -28.81 -0.54 -22.94
N GLN B 15 -29.24 -1.56 -22.20
CA GLN B 15 -30.13 -1.39 -21.05
C GLN B 15 -29.99 -2.61 -20.17
N LEU B 16 -29.73 -2.40 -18.89
CA LEU B 16 -29.53 -3.48 -17.95
C LEU B 16 -30.62 -3.40 -16.90
N THR B 17 -31.65 -4.21 -17.03
CA THR B 17 -32.72 -4.28 -16.04
C THR B 17 -32.62 -5.57 -15.25
N ILE B 18 -32.49 -5.44 -13.94
CA ILE B 18 -32.59 -6.58 -13.04
C ILE B 18 -33.15 -6.07 -11.73
N GLY B 19 -34.02 -6.87 -11.11
CA GLY B 19 -34.73 -6.39 -9.95
C GLY B 19 -35.77 -5.39 -10.38
N ASN B 20 -35.94 -4.34 -9.58
CA ASN B 20 -36.83 -3.25 -9.93
C ASN B 20 -36.11 -2.05 -10.48
N SER B 21 -34.81 -2.15 -10.70
CA SER B 21 -34.00 -1.01 -11.10
C SER B 21 -33.33 -1.29 -12.42
N THR B 22 -33.46 -0.35 -13.34
CA THR B 22 -32.81 -0.45 -14.65
C THR B 22 -31.87 0.72 -14.82
N ILE B 23 -30.87 0.55 -15.66
CA ILE B 23 -30.00 1.63 -16.08
C ILE B 23 -29.88 1.61 -17.59
N THR B 24 -30.03 2.76 -18.21
CA THR B 24 -29.89 2.90 -19.64
C THR B 24 -28.55 3.55 -19.93
N THR B 25 -27.94 3.11 -21.01
CA THR B 25 -26.71 3.73 -21.49
C THR B 25 -26.76 3.72 -23.00
N GLN B 26 -26.37 4.84 -23.59
CA GLN B 26 -26.41 4.98 -25.02
C GLN B 26 -25.05 5.32 -25.61
N GLU B 27 -23.99 5.18 -24.83
CA GLU B 27 -22.64 5.25 -25.35
C GLU B 27 -21.77 4.24 -24.62
N ALA B 28 -22.26 3.01 -24.52
CA ALA B 28 -21.55 1.94 -23.86
C ALA B 28 -20.48 1.38 -24.78
N ALA B 29 -19.63 0.52 -24.22
CA ALA B 29 -18.63 -0.18 -25.05
C ALA B 29 -19.18 -1.54 -25.43
N ASN B 30 -19.31 -2.42 -24.44
CA ASN B 30 -19.86 -3.77 -24.55
C ASN B 30 -19.81 -4.34 -23.14
N ILE B 31 -20.64 -5.35 -22.90
CA ILE B 31 -20.67 -6.05 -21.62
C ILE B 31 -19.66 -7.18 -21.70
N ILE B 32 -18.73 -7.25 -20.77
CA ILE B 32 -17.87 -8.41 -20.67
C ILE B 32 -18.31 -9.25 -19.51
N VAL B 33 -18.29 -10.56 -19.68
CA VAL B 33 -18.67 -11.51 -18.65
C VAL B 33 -17.37 -12.08 -18.10
N GLY B 34 -17.14 -11.89 -16.81
CA GLY B 34 -15.88 -12.27 -16.20
C GLY B 34 -15.61 -13.74 -16.25
N TYR B 35 -14.49 -14.11 -16.87
CA TYR B 35 -14.02 -15.49 -17.05
C TYR B 35 -15.02 -16.32 -17.85
N GLY B 36 -15.80 -15.67 -18.71
CA GLY B 36 -16.62 -16.35 -19.67
C GLY B 36 -17.82 -17.07 -19.14
N GLU B 37 -18.26 -16.82 -17.90
CA GLU B 37 -19.44 -17.51 -17.44
C GLU B 37 -20.27 -16.65 -16.50
N TRP B 38 -21.58 -16.85 -16.58
CA TRP B 38 -22.55 -16.08 -15.84
C TRP B 38 -22.61 -16.54 -14.40
N PRO B 39 -23.07 -15.69 -13.48
CA PRO B 39 -23.29 -16.15 -12.11
C PRO B 39 -24.48 -17.09 -12.04
N SER B 40 -24.34 -18.12 -11.22
CA SER B 40 -25.36 -19.16 -11.16
C SER B 40 -25.50 -19.63 -9.73
N TYR B 41 -26.54 -20.41 -9.49
CA TYR B 41 -26.80 -20.94 -8.17
C TYR B 41 -25.86 -22.12 -7.89
N CYS B 42 -25.73 -22.43 -6.61
CA CYS B 42 -24.85 -23.52 -6.20
C CYS B 42 -25.55 -24.83 -6.46
N SER B 43 -24.93 -25.69 -7.26
CA SER B 43 -25.48 -27.00 -7.54
C SER B 43 -25.33 -27.89 -6.32
N ASP B 44 -26.03 -29.01 -6.35
CA ASP B 44 -25.95 -29.95 -5.25
C ASP B 44 -24.72 -30.85 -5.33
N ASP B 45 -23.93 -30.73 -6.38
CA ASP B 45 -22.61 -31.32 -6.42
C ASP B 45 -21.60 -30.55 -5.59
N ASP B 46 -21.85 -29.26 -5.40
CA ASP B 46 -20.89 -28.37 -4.76
C ASP B 46 -21.26 -28.01 -3.33
N ALA B 47 -22.53 -27.99 -3.00
CA ALA B 47 -22.97 -27.48 -1.71
C ALA B 47 -22.65 -28.47 -0.60
N THR B 48 -22.26 -27.94 0.55
CA THR B 48 -21.99 -28.71 1.74
C THR B 48 -22.90 -28.38 2.90
N ALA B 49 -23.43 -27.16 2.96
CA ALA B 49 -24.38 -26.81 4.01
C ALA B 49 -25.67 -27.56 3.80
N VAL B 50 -26.28 -28.02 4.90
CA VAL B 50 -27.46 -28.87 4.77
C VAL B 50 -28.75 -28.17 5.13
N ASP B 51 -28.75 -26.85 5.28
CA ASP B 51 -29.99 -26.13 5.43
C ASP B 51 -30.37 -25.43 4.13
N LYS B 52 -31.66 -25.27 3.93
CA LYS B 52 -32.15 -24.74 2.67
C LYS B 52 -31.85 -23.26 2.58
N PRO B 53 -31.21 -22.80 1.52
CA PRO B 53 -30.84 -21.38 1.44
C PRO B 53 -32.04 -20.51 1.14
N THR B 54 -31.94 -19.25 1.56
CA THR B 54 -32.90 -18.26 1.14
C THR B 54 -32.42 -17.60 -0.14
N ARG B 55 -33.36 -17.24 -1.00
CA ARG B 55 -33.07 -16.66 -2.31
C ARG B 55 -34.09 -15.57 -2.53
N PRO B 56 -33.75 -14.31 -2.24
CA PRO B 56 -34.78 -13.26 -2.28
C PRO B 56 -35.21 -12.87 -3.67
N ASP B 57 -34.29 -12.90 -4.64
CA ASP B 57 -34.52 -12.96 -6.09
C ASP B 57 -35.03 -11.65 -6.69
N VAL B 58 -35.52 -10.71 -5.89
CA VAL B 58 -35.86 -9.40 -6.44
C VAL B 58 -35.27 -8.34 -5.52
N SER B 59 -35.52 -8.48 -4.23
CA SER B 59 -35.21 -7.46 -3.25
C SER B 59 -33.72 -7.24 -3.06
N VAL B 60 -32.86 -8.14 -3.52
CA VAL B 60 -31.42 -7.96 -3.41
C VAL B 60 -30.72 -7.95 -4.76
N ASN B 61 -31.41 -8.20 -5.86
CA ASN B 61 -30.77 -8.16 -7.16
C ASN B 61 -31.07 -6.83 -7.86
N ARG B 62 -30.63 -5.76 -7.22
CA ARG B 62 -30.92 -4.42 -7.69
C ARG B 62 -29.62 -3.69 -7.94
N PHE B 63 -29.65 -2.72 -8.84
CA PHE B 63 -28.50 -1.85 -9.01
C PHE B 63 -28.43 -0.85 -7.87
N TYR B 64 -27.53 -1.07 -6.92
CA TYR B 64 -27.30 -0.16 -5.82
C TYR B 64 -26.28 0.89 -6.25
N THR B 65 -26.71 2.14 -6.36
CA THR B 65 -25.79 3.24 -6.64
C THR B 65 -25.15 3.67 -5.32
N LEU B 66 -23.83 3.58 -5.23
CA LEU B 66 -23.18 3.67 -3.92
C LEU B 66 -22.60 5.05 -3.61
N ASP B 67 -21.64 5.49 -4.39
CA ASP B 67 -20.94 6.71 -4.04
C ASP B 67 -20.50 7.41 -5.32
N THR B 68 -19.83 8.54 -5.14
CA THR B 68 -19.48 9.42 -6.24
C THR B 68 -18.11 10.00 -5.95
N LYS B 69 -17.11 9.55 -6.68
CA LYS B 69 -15.75 10.06 -6.54
C LYS B 69 -15.50 11.11 -7.61
N LEU B 70 -15.04 12.28 -7.19
CA LEU B 70 -14.70 13.33 -8.14
C LEU B 70 -13.32 13.02 -8.70
N TRP B 71 -13.19 13.12 -10.01
CA TRP B 71 -11.94 12.81 -10.69
C TRP B 71 -11.34 14.08 -11.28
N GLU B 72 -10.27 14.56 -10.66
CA GLU B 72 -9.55 15.73 -11.11
C GLU B 72 -8.28 15.28 -11.82
N LYS B 73 -7.45 16.24 -12.23
CA LYS B 73 -6.33 15.95 -13.10
C LYS B 73 -5.18 15.24 -12.39
N SER B 74 -5.20 15.16 -11.07
CA SER B 74 -4.08 14.61 -10.31
C SER B 74 -4.51 13.44 -9.43
N SER B 75 -5.52 12.70 -9.84
CA SER B 75 -6.00 11.60 -9.03
C SER B 75 -5.07 10.41 -9.15
N LYS B 76 -5.18 9.49 -8.19
CA LYS B 76 -4.40 8.26 -8.21
C LYS B 76 -5.23 7.07 -8.63
N GLY B 77 -6.32 6.81 -7.95
CA GLY B 77 -7.14 5.63 -8.22
C GLY B 77 -7.82 5.20 -6.94
N TRP B 78 -8.89 4.43 -7.10
CA TRP B 78 -9.71 4.03 -5.98
C TRP B 78 -9.92 2.54 -6.00
N TYR B 79 -10.42 1.98 -4.91
CA TYR B 79 -10.81 0.58 -4.91
C TYR B 79 -11.94 0.33 -3.93
N TRP B 80 -12.80 -0.62 -4.28
CA TRP B 80 -13.95 -0.99 -3.47
C TRP B 80 -13.91 -2.50 -3.29
N LYS B 81 -13.98 -2.97 -2.05
CA LYS B 81 -13.91 -4.39 -1.76
C LYS B 81 -15.29 -5.01 -1.79
N PHE B 82 -15.48 -5.95 -2.65
CA PHE B 82 -16.84 -6.48 -2.68
C PHE B 82 -16.87 -7.81 -1.93
N PRO B 83 -17.96 -8.16 -1.25
CA PRO B 83 -19.25 -7.50 -1.08
C PRO B 83 -19.33 -6.61 0.14
N ASP B 84 -18.24 -6.04 0.62
CA ASP B 84 -18.35 -5.20 1.80
C ASP B 84 -18.77 -3.78 1.46
N VAL B 85 -19.07 -3.51 0.20
CA VAL B 85 -19.71 -2.25 -0.11
C VAL B 85 -21.21 -2.31 0.12
N LEU B 86 -21.76 -3.51 0.26
CA LEU B 86 -23.20 -3.70 0.36
C LEU B 86 -23.62 -4.40 1.64
N THR B 87 -22.75 -4.51 2.62
CA THR B 87 -23.17 -4.99 3.93
C THR B 87 -23.57 -3.88 4.85
N GLU B 88 -23.98 -2.73 4.31
CA GLU B 88 -24.55 -1.64 5.07
C GLU B 88 -25.74 -1.04 4.35
N THR B 89 -26.25 -1.69 3.31
CA THR B 89 -27.16 -1.06 2.36
C THR B 89 -28.28 -2.02 2.00
N GLY B 90 -29.52 -1.62 2.28
CA GLY B 90 -30.69 -2.25 1.71
C GLY B 90 -30.94 -3.64 2.25
N VAL B 91 -31.73 -4.40 1.48
CA VAL B 91 -32.08 -5.75 1.90
C VAL B 91 -30.91 -6.70 1.68
N PHE B 92 -29.92 -6.32 0.86
CA PHE B 92 -28.70 -7.10 0.82
C PHE B 92 -27.93 -6.96 2.11
N GLY B 93 -27.86 -5.74 2.64
CA GLY B 93 -27.14 -5.53 3.88
C GLY B 93 -27.86 -6.07 5.09
N GLN B 94 -29.15 -6.36 4.97
CA GLN B 94 -29.87 -6.97 6.08
C GLN B 94 -29.79 -8.49 6.00
N ASN B 95 -29.83 -9.05 4.80
CA ASN B 95 -29.70 -10.50 4.68
C ASN B 95 -28.28 -10.97 4.91
N ALA B 96 -27.28 -10.15 4.56
CA ALA B 96 -25.90 -10.58 4.77
C ALA B 96 -25.47 -10.44 6.21
N GLN B 97 -26.17 -9.65 7.02
CA GLN B 97 -25.86 -9.56 8.43
C GLN B 97 -26.58 -10.58 9.28
N PHE B 98 -27.73 -11.06 8.82
CA PHE B 98 -28.41 -12.13 9.54
C PHE B 98 -27.81 -13.48 9.21
N HIS B 99 -27.47 -13.72 7.96
CA HIS B 99 -27.06 -15.03 7.50
C HIS B 99 -25.55 -15.16 7.53
N TYR B 100 -25.08 -16.32 8.00
CA TYR B 100 -23.64 -16.55 8.05
C TYR B 100 -23.06 -16.78 6.67
N LEU B 101 -23.65 -17.67 5.89
CA LEU B 101 -23.13 -17.98 4.57
C LEU B 101 -23.72 -17.04 3.54
N TYR B 102 -23.12 -17.05 2.36
CA TYR B 102 -23.39 -16.09 1.30
C TYR B 102 -22.70 -16.53 0.02
N ARG B 103 -23.41 -16.43 -1.10
CA ARG B 103 -22.74 -16.41 -2.40
C ARG B 103 -23.58 -15.59 -3.36
N SER B 104 -22.91 -14.94 -4.30
CA SER B 104 -23.56 -14.13 -5.33
C SER B 104 -22.56 -13.81 -6.41
N GLY B 105 -23.08 -13.46 -7.59
CA GLY B 105 -22.31 -12.78 -8.60
C GLY B 105 -22.61 -11.29 -8.54
N PHE B 106 -22.01 -10.55 -9.45
CA PHE B 106 -22.22 -9.11 -9.47
C PHE B 106 -22.21 -8.62 -10.89
N CYS B 107 -23.09 -7.67 -11.19
CA CYS B 107 -23.06 -6.90 -12.43
C CYS B 107 -22.63 -5.51 -12.04
N ILE B 108 -21.43 -5.12 -12.46
CA ILE B 108 -20.78 -3.92 -11.97
C ILE B 108 -20.76 -2.91 -13.11
N HIS B 109 -21.38 -1.76 -12.89
CA HIS B 109 -21.54 -0.74 -13.92
C HIS B 109 -21.03 0.57 -13.35
N VAL B 110 -19.99 1.12 -13.96
CA VAL B 110 -19.38 2.37 -13.50
C VAL B 110 -19.57 3.44 -14.55
N GLN B 111 -20.20 4.54 -14.17
CA GLN B 111 -20.47 5.63 -15.10
C GLN B 111 -19.44 6.73 -14.93
N CYS B 112 -18.97 7.28 -16.03
CA CYS B 112 -18.16 8.50 -15.99
C CYS B 112 -18.35 9.22 -17.32
N ASN B 113 -19.22 10.23 -17.32
CA ASN B 113 -19.47 10.97 -18.54
C ASN B 113 -18.59 12.20 -18.61
N ALA B 114 -18.34 12.65 -19.83
CA ALA B 114 -17.62 13.89 -20.06
C ALA B 114 -18.04 14.41 -21.41
N SER B 115 -17.65 15.64 -21.72
CA SER B 115 -17.99 16.24 -22.99
C SER B 115 -17.16 15.64 -24.10
N LYS B 116 -17.32 16.20 -25.29
CA LYS B 116 -16.54 15.77 -26.43
C LYS B 116 -15.28 16.61 -26.60
N PHE B 117 -14.94 17.41 -25.58
CA PHE B 117 -13.66 18.10 -25.49
C PHE B 117 -12.78 17.63 -24.35
N HIS B 118 -13.34 16.95 -23.35
CA HIS B 118 -12.54 16.36 -22.31
C HIS B 118 -11.81 15.14 -22.84
N GLN B 119 -10.77 14.73 -22.15
CA GLN B 119 -10.04 13.53 -22.55
C GLN B 119 -9.59 12.79 -21.30
N GLY B 120 -9.08 11.58 -21.51
CA GLY B 120 -8.59 10.80 -20.40
C GLY B 120 -9.16 9.40 -20.40
N ALA B 121 -8.45 8.44 -19.82
CA ALA B 121 -8.88 7.06 -19.83
C ALA B 121 -8.79 6.48 -18.44
N LEU B 122 -9.65 5.52 -18.13
CA LEU B 122 -9.63 4.81 -16.86
C LEU B 122 -9.44 3.33 -17.14
N LEU B 123 -8.95 2.62 -16.15
CA LEU B 123 -8.89 1.16 -16.19
C LEU B 123 -9.72 0.69 -15.03
N VAL B 124 -11.00 0.48 -15.25
CA VAL B 124 -11.83 -0.17 -14.25
C VAL B 124 -11.68 -1.66 -14.41
N ALA B 125 -11.08 -2.30 -13.42
CA ALA B 125 -10.75 -3.71 -13.48
C ALA B 125 -11.13 -4.36 -12.18
N ILE B 126 -11.40 -5.65 -12.28
CA ILE B 126 -11.70 -6.49 -11.16
C ILE B 126 -10.36 -7.14 -10.83
N LEU B 127 -10.22 -7.68 -9.60
CA LEU B 127 -9.27 -8.78 -9.38
C LEU B 127 -9.65 -9.53 -8.12
N PRO B 128 -9.73 -10.84 -8.18
CA PRO B 128 -10.15 -11.59 -7.00
C PRO B 128 -9.05 -11.72 -5.98
N GLU B 129 -9.46 -11.71 -4.71
CA GLU B 129 -8.60 -11.83 -3.55
C GLU B 129 -7.55 -10.72 -3.53
N TYR B 130 -8.02 -9.50 -3.66
CA TYR B 130 -7.13 -8.34 -3.72
C TYR B 130 -6.69 -8.01 -2.32
N VAL B 131 -5.59 -8.59 -1.92
CA VAL B 131 -5.06 -8.34 -0.59
C VAL B 131 -4.20 -7.09 -0.63
N ILE B 132 -4.16 -6.37 0.49
CA ILE B 132 -3.54 -5.05 0.57
C ILE B 132 -2.28 -5.15 1.41
N GLY B 133 -1.16 -4.72 0.83
CA GLY B 133 0.05 -4.56 1.59
C GLY B 133 0.23 -3.12 2.03
N THR B 134 1.27 -2.89 2.81
CA THR B 134 1.61 -1.57 3.27
C THR B 134 2.95 -1.16 2.69
N VAL B 135 3.44 0.01 3.12
CA VAL B 135 4.77 0.46 2.71
C VAL B 135 5.86 -0.08 3.61
N ALA B 136 5.51 -0.97 4.55
CA ALA B 136 6.46 -1.71 5.41
C ALA B 136 7.33 -0.77 6.22
N GLY B 137 6.76 0.32 6.70
CA GLY B 137 7.54 1.28 7.44
C GLY B 137 8.46 2.12 6.59
N GLY B 138 8.19 2.22 5.30
CA GLY B 138 9.01 3.05 4.44
C GLY B 138 10.22 2.31 3.90
N THR B 139 11.22 2.10 4.74
CA THR B 139 12.45 1.47 4.28
C THR B 139 12.28 -0.03 4.04
N GLY B 140 11.24 -0.65 4.57
CA GLY B 140 10.96 -2.04 4.31
C GLY B 140 11.46 -3.01 5.36
N THR B 141 11.43 -2.66 6.63
CA THR B 141 11.91 -3.56 7.66
C THR B 141 10.94 -3.81 8.80
N GLU B 142 9.84 -3.07 8.88
CA GLU B 142 8.88 -3.22 9.96
C GLU B 142 7.59 -3.83 9.41
N ASP B 143 7.17 -4.95 10.00
CA ASP B 143 6.01 -5.70 9.50
C ASP B 143 4.75 -4.97 9.95
N SER B 144 4.35 -4.00 9.16
CA SER B 144 3.12 -3.26 9.41
C SER B 144 1.99 -3.88 8.62
N HIS B 145 0.88 -4.11 9.29
CA HIS B 145 -0.31 -4.62 8.65
C HIS B 145 -1.26 -3.46 8.38
N PRO B 146 -2.04 -3.51 7.29
CA PRO B 146 -2.93 -2.39 7.00
C PRO B 146 -4.08 -2.34 7.98
N PRO B 147 -4.62 -1.15 8.24
CA PRO B 147 -5.73 -1.05 9.19
C PRO B 147 -7.02 -1.62 8.63
N TYR B 148 -8.08 -1.63 9.44
CA TYR B 148 -9.32 -2.23 8.99
C TYR B 148 -10.01 -1.38 7.92
N ILE B 149 -9.74 -0.08 7.89
CA ILE B 149 -10.43 0.76 6.92
C ILE B 149 -9.74 0.71 5.57
N GLN B 150 -8.42 0.51 5.53
CA GLN B 150 -7.74 0.28 4.26
C GLN B 150 -8.06 -1.09 3.72
N THR B 151 -8.27 -2.05 4.62
CA THR B 151 -8.64 -3.40 4.24
C THR B 151 -10.03 -3.46 3.64
N GLN B 152 -11.02 -2.92 4.34
CA GLN B 152 -12.42 -2.99 3.96
C GLN B 152 -13.04 -1.60 4.12
N PRO B 153 -12.93 -0.75 3.10
CA PRO B 153 -13.41 0.62 3.25
C PRO B 153 -14.93 0.75 3.22
N GLY B 154 -15.63 -0.22 2.64
CA GLY B 154 -17.07 -0.13 2.60
C GLY B 154 -17.55 0.60 1.36
N ALA B 155 -18.71 1.24 1.50
CA ALA B 155 -19.29 1.98 0.39
C ALA B 155 -18.61 3.32 0.16
N ASP B 156 -17.71 3.73 1.05
CA ASP B 156 -17.03 4.99 0.88
C ASP B 156 -15.86 4.87 -0.10
N GLY B 157 -15.35 3.66 -0.32
CA GLY B 157 -14.20 3.46 -1.16
C GLY B 157 -12.91 3.91 -0.47
N PHE B 158 -11.79 3.67 -1.15
CA PHE B 158 -10.53 4.12 -0.59
C PHE B 158 -9.58 4.45 -1.72
N GLU B 159 -8.77 5.48 -1.53
CA GLU B 159 -7.89 5.96 -2.59
C GLU B 159 -6.53 5.28 -2.52
N LEU B 160 -6.03 4.85 -3.67
CA LEU B 160 -4.75 4.17 -3.73
C LEU B 160 -3.60 5.13 -3.42
N GLN B 161 -2.62 4.65 -2.67
CA GLN B 161 -1.46 5.45 -2.30
C GLN B 161 -0.39 5.38 -3.40
N HIS B 162 -0.10 4.16 -3.83
CA HIS B 162 0.91 3.94 -4.87
C HIS B 162 0.24 3.08 -5.93
N PRO B 163 -0.41 3.69 -6.92
CA PRO B 163 -1.19 2.90 -7.88
C PRO B 163 -0.36 2.16 -8.88
N TYR B 164 0.93 2.46 -8.99
CA TYR B 164 1.79 1.72 -9.90
C TYR B 164 2.00 0.30 -9.41
N VAL B 165 1.98 0.10 -8.10
CA VAL B 165 2.09 -1.22 -7.49
C VAL B 165 0.81 -1.66 -6.82
N LEU B 166 -0.28 -0.90 -6.98
CA LEU B 166 -1.63 -1.26 -6.54
C LEU B 166 -1.76 -1.52 -5.05
N ASP B 167 -0.84 -0.96 -4.26
CA ASP B 167 -0.68 -1.23 -2.83
C ASP B 167 -0.49 -2.71 -2.50
N ALA B 168 -0.04 -3.52 -3.44
CA ALA B 168 0.13 -4.94 -3.17
C ALA B 168 1.42 -5.48 -3.76
N GLY B 169 2.28 -4.65 -4.32
CA GLY B 169 3.48 -5.13 -4.97
C GLY B 169 3.27 -5.77 -6.31
N ILE B 170 2.09 -5.62 -6.90
CA ILE B 170 1.84 -6.15 -8.24
C ILE B 170 1.64 -4.97 -9.19
N PRO B 171 2.20 -4.99 -10.39
CA PRO B 171 2.12 -3.82 -11.25
C PRO B 171 0.75 -3.69 -11.88
N ILE B 172 0.37 -2.44 -12.10
CA ILE B 172 -0.90 -2.16 -12.76
C ILE B 172 -0.81 -2.37 -14.26
N SER B 173 0.41 -2.50 -14.79
CA SER B 173 0.59 -2.68 -16.22
C SER B 173 0.08 -4.02 -16.67
N GLN B 174 0.00 -5.00 -15.78
CA GLN B 174 -0.57 -6.29 -16.13
C GLN B 174 -1.79 -6.62 -15.27
N LEU B 175 -2.48 -5.59 -14.81
CA LEU B 175 -3.81 -5.74 -14.24
C LEU B 175 -4.82 -6.15 -15.30
N THR B 176 -4.51 -5.86 -16.57
CA THR B 176 -5.36 -6.10 -17.71
C THR B 176 -5.58 -7.61 -17.98
N VAL B 177 -4.87 -8.48 -17.27
CA VAL B 177 -5.16 -9.91 -17.28
C VAL B 177 -6.54 -10.19 -16.68
N CYS B 178 -6.81 -9.59 -15.53
CA CYS B 178 -8.08 -9.78 -14.83
C CYS B 178 -9.20 -9.09 -15.61
N PRO B 179 -10.47 -9.47 -15.36
CA PRO B 179 -11.59 -8.85 -16.10
C PRO B 179 -11.68 -7.35 -15.90
N HIS B 180 -11.61 -6.72 -17.05
CA HIS B 180 -11.53 -5.25 -17.14
C HIS B 180 -12.07 -4.78 -18.48
N GLN B 181 -12.17 -3.47 -18.53
CA GLN B 181 -12.52 -2.64 -19.70
C GLN B 181 -12.25 -1.20 -19.27
N TRP B 182 -12.07 -0.38 -20.28
CA TRP B 182 -11.55 0.97 -20.21
C TRP B 182 -12.70 1.94 -20.38
N ILE B 183 -12.58 3.08 -19.72
CA ILE B 183 -13.48 4.20 -19.96
C ILE B 183 -12.59 5.33 -20.47
N ASN B 184 -12.42 5.43 -21.77
CA ASN B 184 -11.80 6.61 -22.33
C ASN B 184 -12.90 7.53 -22.87
N LEU B 185 -12.80 8.80 -22.53
CA LEU B 185 -13.91 9.71 -22.64
C LEU B 185 -14.16 10.18 -24.07
N ARG B 186 -13.40 9.69 -25.04
CA ARG B 186 -13.71 9.98 -26.42
C ARG B 186 -14.63 8.94 -27.04
N THR B 187 -14.71 7.76 -26.43
CA THR B 187 -15.51 6.68 -26.97
C THR B 187 -16.68 6.29 -26.08
N ASN B 188 -16.44 5.88 -24.84
CA ASN B 188 -17.54 5.42 -24.02
C ASN B 188 -17.65 6.23 -22.74
N ASN B 189 -18.75 5.99 -22.03
CA ASN B 189 -18.98 6.64 -20.77
C ASN B 189 -19.33 5.68 -19.66
N CYS B 190 -19.33 4.38 -19.92
CA CYS B 190 -19.68 3.41 -18.90
C CYS B 190 -18.99 2.10 -19.19
N ALA B 191 -18.96 1.23 -18.18
CA ALA B 191 -18.23 -0.03 -18.28
C ALA B 191 -18.90 -1.08 -17.43
N THR B 192 -19.63 -1.99 -18.07
CA THR B 192 -20.30 -3.09 -17.41
C THR B 192 -19.36 -4.28 -17.33
N ILE B 193 -19.21 -4.84 -16.13
CA ILE B 193 -18.40 -6.03 -15.89
C ILE B 193 -19.26 -7.00 -15.10
N ILE B 194 -19.63 -8.12 -15.71
CA ILE B 194 -20.40 -9.14 -15.03
C ILE B 194 -19.42 -10.16 -14.45
N VAL B 195 -19.50 -10.37 -13.14
CA VAL B 195 -18.54 -11.17 -12.40
C VAL B 195 -19.29 -12.34 -11.78
N PRO B 196 -18.86 -13.58 -11.95
CA PRO B 196 -19.50 -14.69 -11.26
C PRO B 196 -19.03 -14.74 -9.81
N TYR B 197 -19.43 -15.79 -9.12
CA TYR B 197 -18.94 -16.00 -7.77
C TYR B 197 -17.64 -16.77 -7.85
N MET B 198 -16.53 -16.13 -7.53
CA MET B 198 -15.27 -16.84 -7.46
C MET B 198 -14.78 -16.93 -6.02
N ASN B 199 -14.62 -18.16 -5.56
CA ASN B 199 -14.11 -18.54 -4.25
C ASN B 199 -13.94 -20.05 -4.30
N THR B 200 -13.09 -20.57 -3.44
CA THR B 200 -12.87 -22.02 -3.39
C THR B 200 -14.11 -22.73 -2.86
N LEU B 201 -14.43 -22.49 -1.62
CA LEU B 201 -15.56 -23.08 -0.95
C LEU B 201 -16.84 -22.41 -1.39
N PRO B 202 -17.95 -23.17 -1.53
CA PRO B 202 -19.07 -22.67 -2.34
C PRO B 202 -19.86 -21.53 -1.73
N PHE B 203 -19.98 -21.48 -0.41
CA PHE B 203 -20.51 -20.32 0.31
C PHE B 203 -19.38 -19.80 1.18
N ASP B 204 -19.45 -18.53 1.57
CA ASP B 204 -18.56 -18.06 2.61
C ASP B 204 -19.24 -16.97 3.42
N SER B 205 -18.53 -16.47 4.42
CA SER B 205 -19.04 -15.37 5.22
C SER B 205 -18.96 -14.08 4.44
N ALA B 206 -19.95 -13.23 4.62
CA ALA B 206 -19.99 -11.96 3.90
C ALA B 206 -19.34 -10.83 4.67
N LEU B 207 -19.01 -11.04 5.95
CA LEU B 207 -18.46 -9.98 6.77
C LEU B 207 -16.95 -10.06 6.88
N ASN B 208 -16.37 -11.24 6.74
CA ASN B 208 -14.93 -11.42 6.85
C ASN B 208 -14.24 -11.41 5.51
N HIS B 209 -14.70 -12.24 4.58
CA HIS B 209 -14.01 -12.49 3.33
C HIS B 209 -14.59 -11.57 2.27
N CYS B 210 -13.71 -10.82 1.61
CA CYS B 210 -14.10 -9.96 0.50
C CYS B 210 -13.52 -10.54 -0.77
N ASN B 211 -14.39 -11.04 -1.66
CA ASN B 211 -13.97 -11.91 -2.76
C ASN B 211 -13.10 -11.19 -3.77
N PHE B 212 -13.40 -9.94 -4.07
CA PHE B 212 -12.63 -9.22 -5.06
C PHE B 212 -12.69 -7.74 -4.81
N GLY B 213 -11.83 -7.01 -5.51
CA GLY B 213 -11.77 -5.57 -5.38
C GLY B 213 -11.87 -4.91 -6.74
N LEU B 214 -12.60 -3.82 -6.80
CA LEU B 214 -12.85 -3.10 -8.05
C LEU B 214 -11.85 -1.95 -8.15
N LEU B 215 -10.76 -2.15 -8.87
CA LEU B 215 -9.79 -1.10 -9.06
C LEU B 215 -10.24 -0.19 -10.20
N VAL B 216 -10.33 1.10 -9.91
CA VAL B 216 -10.71 2.11 -10.88
C VAL B 216 -9.58 3.13 -10.85
N VAL B 217 -8.70 3.10 -11.84
CA VAL B 217 -7.49 3.91 -11.85
C VAL B 217 -7.46 4.71 -13.14
N PRO B 218 -7.33 6.03 -13.09
CA PRO B 218 -7.04 6.78 -14.31
C PRO B 218 -5.59 6.58 -14.73
N ILE B 219 -5.40 5.99 -15.91
CA ILE B 219 -4.04 5.76 -16.41
C ILE B 219 -3.63 6.94 -17.26
N SER B 220 -4.40 7.24 -18.29
CA SER B 220 -4.24 8.49 -19.00
C SER B 220 -5.02 9.56 -18.25
N PRO B 221 -4.39 10.64 -17.82
CA PRO B 221 -5.06 11.56 -16.91
C PRO B 221 -6.11 12.42 -17.60
N LEU B 222 -7.01 12.95 -16.79
CA LEU B 222 -8.03 13.87 -17.28
C LEU B 222 -7.37 15.16 -17.76
N ASP B 223 -7.88 15.73 -18.83
CA ASP B 223 -7.37 16.99 -19.33
C ASP B 223 -8.50 17.69 -20.06
N PHE B 224 -8.58 19.00 -19.87
CA PHE B 224 -9.59 19.84 -20.48
C PHE B 224 -9.11 21.27 -20.38
N ASP B 225 -9.38 22.06 -21.42
CA ASP B 225 -9.03 23.46 -21.33
C ASP B 225 -9.97 24.18 -20.35
N GLN B 226 -9.45 25.22 -19.73
CA GLN B 226 -10.19 25.92 -18.70
C GLN B 226 -11.36 26.68 -19.30
N GLY B 227 -12.55 26.41 -18.78
CA GLY B 227 -13.78 26.91 -19.34
C GLY B 227 -14.80 25.80 -19.41
N ALA B 228 -14.32 24.57 -19.51
CA ALA B 228 -15.19 23.42 -19.49
C ALA B 228 -15.56 23.09 -18.04
N THR B 229 -16.39 22.07 -17.87
CA THR B 229 -16.88 21.72 -16.55
C THR B 229 -15.80 20.98 -15.76
N PRO B 230 -15.32 21.51 -14.64
CA PRO B 230 -14.18 20.92 -13.97
C PRO B 230 -14.53 19.77 -13.04
N VAL B 231 -15.81 19.46 -12.87
CA VAL B 231 -16.26 18.42 -11.97
C VAL B 231 -16.68 17.23 -12.82
N ILE B 232 -15.87 16.19 -12.83
CA ILE B 232 -16.13 14.97 -13.59
C ILE B 232 -16.27 13.81 -12.62
N PRO B 233 -17.48 13.45 -12.24
CA PRO B 233 -17.66 12.41 -11.23
C PRO B 233 -17.53 11.02 -11.81
N ILE B 234 -17.30 10.07 -10.90
CA ILE B 234 -17.28 8.64 -11.20
C ILE B 234 -18.18 7.96 -10.20
N THR B 235 -19.31 7.41 -10.66
CA THR B 235 -20.23 6.71 -9.80
C THR B 235 -20.26 5.25 -10.21
N ILE B 236 -20.19 4.36 -9.24
CA ILE B 236 -20.26 2.93 -9.52
C ILE B 236 -21.59 2.40 -9.00
N THR B 237 -22.27 1.61 -9.82
CA THR B 237 -23.50 0.94 -9.45
C THR B 237 -23.28 -0.54 -9.61
N LEU B 238 -23.77 -1.33 -8.67
CA LEU B 238 -23.52 -2.75 -8.72
C LEU B 238 -24.79 -3.49 -8.37
N ALA B 239 -24.93 -4.72 -8.88
CA ALA B 239 -26.13 -5.50 -8.68
C ALA B 239 -25.75 -6.92 -8.35
N PRO B 240 -26.07 -7.41 -7.15
CA PRO B 240 -25.78 -8.81 -6.83
C PRO B 240 -26.70 -9.72 -7.62
N MET B 241 -26.14 -10.55 -8.47
CA MET B 241 -26.96 -11.45 -9.27
C MET B 241 -26.84 -12.85 -8.72
N CYS B 242 -27.98 -13.55 -8.70
CA CYS B 242 -28.09 -14.94 -8.25
C CYS B 242 -27.55 -15.12 -6.84
N SER B 243 -28.00 -14.25 -5.94
CA SER B 243 -27.52 -14.25 -4.57
C SER B 243 -28.33 -15.20 -3.72
N GLU B 244 -27.65 -15.89 -2.80
CA GLU B 244 -28.35 -16.74 -1.87
C GLU B 244 -27.57 -16.83 -0.57
N PHE B 245 -28.30 -16.95 0.53
CA PHE B 245 -27.75 -16.85 1.87
C PHE B 245 -28.14 -18.10 2.64
N ALA B 246 -27.43 -18.37 3.73
CA ALA B 246 -27.74 -19.52 4.56
C ALA B 246 -27.23 -19.29 5.97
N GLY B 247 -27.73 -20.11 6.90
CA GLY B 247 -27.23 -20.06 8.27
C GLY B 247 -27.72 -18.89 9.08
N LEU B 248 -29.02 -18.87 9.38
CA LEU B 248 -29.66 -17.72 9.99
C LEU B 248 -29.35 -17.61 11.47
N ARG B 249 -28.93 -16.44 11.91
CA ARG B 249 -28.75 -16.13 13.32
C ARG B 249 -28.97 -14.64 13.51
N GLN B 250 -28.65 -14.12 14.68
CA GLN B 250 -28.88 -12.70 14.95
C GLN B 250 -27.88 -11.83 14.19
N ALA B 251 -28.13 -10.54 14.22
CA ALA B 251 -27.39 -9.60 13.39
C ALA B 251 -26.01 -9.34 13.94
N VAL B 252 -24.99 -9.66 13.16
CA VAL B 252 -23.65 -9.17 13.40
C VAL B 252 -23.41 -8.03 12.43
N THR B 253 -22.58 -7.07 12.82
CA THR B 253 -22.34 -5.92 11.98
C THR B 253 -20.94 -5.90 11.40
N GLN B 254 -20.07 -6.78 11.87
CA GLN B 254 -18.66 -6.73 11.52
C GLN B 254 -18.00 -8.09 11.73
N GLY C 1 17.90 -63.34 -4.52
CA GLY C 1 16.75 -62.76 -5.16
C GLY C 1 16.96 -62.55 -6.65
N PHE C 2 16.20 -61.66 -7.22
CA PHE C 2 16.28 -61.33 -8.63
C PHE C 2 17.57 -60.57 -8.90
N PRO C 3 18.28 -60.88 -9.99
CA PRO C 3 19.53 -60.17 -10.29
C PRO C 3 19.25 -58.77 -10.78
N THR C 4 19.91 -57.78 -10.18
CA THR C 4 19.70 -56.38 -10.54
C THR C 4 21.02 -55.65 -10.44
N GLU C 5 21.37 -54.91 -11.48
CA GLU C 5 22.61 -54.17 -11.57
C GLU C 5 22.30 -52.68 -11.53
N LEU C 6 22.96 -51.96 -10.61
CA LEU C 6 22.68 -50.53 -10.43
C LEU C 6 23.57 -49.70 -11.33
N LYS C 7 22.99 -49.20 -12.42
CA LYS C 7 23.69 -48.39 -13.39
C LYS C 7 23.85 -46.96 -12.88
N PRO C 8 24.74 -46.15 -13.47
CA PRO C 8 24.93 -44.78 -12.98
C PRO C 8 23.70 -43.90 -13.11
N GLY C 9 23.73 -42.80 -12.39
CA GLY C 9 22.54 -42.05 -12.12
C GLY C 9 21.85 -42.47 -10.86
N THR C 10 22.41 -43.44 -10.14
CA THR C 10 21.83 -43.93 -8.91
C THR C 10 22.05 -42.92 -7.81
N ASN C 11 21.08 -42.84 -6.89
CA ASN C 11 21.14 -42.11 -5.64
C ASN C 11 21.26 -40.61 -5.83
N GLN C 12 20.86 -40.09 -6.98
CA GLN C 12 20.89 -38.65 -7.17
C GLN C 12 19.50 -38.08 -6.95
N PHE C 13 19.44 -36.75 -6.88
CA PHE C 13 18.18 -36.04 -6.76
C PHE C 13 18.12 -35.03 -7.89
N LEU C 14 17.56 -35.46 -9.01
CA LEU C 14 17.30 -34.54 -10.10
C LEU C 14 16.01 -33.80 -9.80
N THR C 15 16.05 -32.47 -9.92
CA THR C 15 14.90 -31.70 -9.48
C THR C 15 13.81 -31.61 -10.53
N THR C 16 13.91 -32.36 -11.63
CA THR C 16 12.96 -32.27 -12.72
C THR C 16 12.48 -33.67 -13.12
N ASP C 17 12.93 -34.72 -12.43
CA ASP C 17 12.46 -36.05 -12.76
C ASP C 17 11.00 -36.20 -12.35
N ASP C 18 10.32 -37.13 -13.00
CA ASP C 18 8.91 -37.31 -12.76
C ASP C 18 8.73 -38.73 -12.26
N GLY C 19 8.92 -38.91 -10.95
CA GLY C 19 9.01 -40.21 -10.35
C GLY C 19 7.95 -40.44 -9.30
N VAL C 20 7.67 -41.72 -9.07
CA VAL C 20 6.74 -42.15 -8.05
C VAL C 20 7.46 -42.06 -6.72
N SER C 21 6.81 -41.47 -5.73
CA SER C 21 7.36 -41.40 -4.39
C SER C 21 6.30 -41.80 -3.38
N ALA C 22 6.74 -42.19 -2.20
CA ALA C 22 5.88 -42.91 -1.27
C ALA C 22 4.85 -41.98 -0.64
N PRO C 23 3.60 -42.41 -0.55
CA PRO C 23 2.56 -41.54 0.03
C PRO C 23 2.65 -41.50 1.55
N ILE C 24 2.51 -40.31 2.10
CA ILE C 24 2.58 -40.20 3.56
C ILE C 24 1.32 -40.68 4.23
N LEU C 25 0.18 -40.63 3.53
CA LEU C 25 -1.11 -40.91 4.14
C LEU C 25 -1.79 -42.01 3.35
N PRO C 26 -1.99 -43.19 3.91
CA PRO C 26 -2.71 -44.24 3.20
C PRO C 26 -4.17 -43.87 3.07
N ASN C 27 -4.73 -44.21 1.89
CA ASN C 27 -6.10 -44.03 1.40
C ASN C 27 -6.81 -42.77 1.89
N PHE C 28 -6.17 -41.62 1.62
CA PHE C 28 -6.69 -40.31 1.96
C PHE C 28 -7.38 -39.71 0.74
N HIS C 29 -8.70 -39.56 0.81
CA HIS C 29 -9.46 -39.01 -0.30
C HIS C 29 -9.65 -37.52 -0.11
N PRO C 30 -9.10 -36.67 -0.97
CA PRO C 30 -9.06 -35.23 -0.71
C PRO C 30 -10.42 -34.57 -0.93
N THR C 31 -10.45 -33.27 -0.72
CA THR C 31 -11.70 -32.52 -0.80
C THR C 31 -12.13 -32.40 -2.25
N PRO C 32 -13.38 -32.74 -2.58
CA PRO C 32 -13.80 -32.72 -3.99
C PRO C 32 -13.93 -31.31 -4.51
N CYS C 33 -13.58 -31.14 -5.78
CA CYS C 33 -13.39 -29.81 -6.34
C CYS C 33 -14.72 -29.17 -6.69
N ILE C 34 -14.73 -27.87 -6.68
CA ILE C 34 -15.91 -27.06 -7.01
C ILE C 34 -15.65 -26.44 -8.37
N HIS C 35 -16.69 -26.11 -9.11
CA HIS C 35 -16.49 -25.36 -10.34
C HIS C 35 -16.09 -23.93 -9.96
N ILE C 36 -14.79 -23.69 -9.89
CA ILE C 36 -14.26 -22.35 -9.62
C ILE C 36 -14.02 -21.70 -10.97
N PRO C 37 -14.47 -20.46 -11.18
CA PRO C 37 -14.38 -19.85 -12.51
C PRO C 37 -12.96 -19.54 -12.91
N GLY C 38 -12.74 -19.50 -14.23
CA GLY C 38 -11.46 -19.08 -14.76
C GLY C 38 -10.35 -20.06 -14.56
N GLU C 39 -10.50 -21.28 -15.07
CA GLU C 39 -9.47 -22.28 -14.91
C GLU C 39 -8.45 -22.18 -16.01
N VAL C 40 -7.19 -22.13 -15.64
CA VAL C 40 -6.10 -22.08 -16.60
C VAL C 40 -5.68 -23.51 -16.92
N ARG C 41 -5.67 -23.86 -18.21
CA ARG C 41 -5.19 -25.15 -18.65
C ARG C 41 -3.77 -25.11 -19.19
N ASN C 42 -3.26 -23.92 -19.49
CA ASN C 42 -2.07 -23.76 -20.29
C ASN C 42 -1.63 -22.32 -20.12
N LEU C 43 -0.32 -22.07 -20.17
CA LEU C 43 0.12 -20.69 -19.99
C LEU C 43 -0.04 -19.85 -21.24
N LEU C 44 -0.46 -20.43 -22.35
CA LEU C 44 -0.67 -19.67 -23.57
C LEU C 44 -2.06 -19.05 -23.63
N GLU C 45 -2.91 -19.28 -22.64
CA GLU C 45 -4.00 -18.35 -22.41
C GLU C 45 -3.47 -16.97 -22.03
N LEU C 46 -2.49 -16.94 -21.15
CA LEU C 46 -2.05 -15.68 -20.56
C LEU C 46 -1.12 -14.88 -21.45
N CYS C 47 -0.51 -15.51 -22.44
CA CYS C 47 0.31 -14.77 -23.37
C CYS C 47 -0.52 -14.13 -24.47
N GLN C 48 -1.83 -14.38 -24.51
CA GLN C 48 -2.69 -13.85 -25.55
C GLN C 48 -3.66 -12.81 -25.02
N VAL C 49 -3.45 -12.33 -23.81
CA VAL C 49 -4.24 -11.28 -23.20
C VAL C 49 -3.48 -9.98 -23.35
N GLU C 50 -4.10 -8.97 -23.95
CA GLU C 50 -3.43 -7.69 -24.13
C GLU C 50 -3.23 -7.01 -22.79
N THR C 51 -2.09 -6.35 -22.66
CA THR C 51 -1.49 -6.01 -21.38
C THR C 51 -0.58 -4.81 -21.62
N ILE C 52 -0.55 -3.87 -20.68
CA ILE C 52 -0.03 -2.54 -20.97
C ILE C 52 1.47 -2.58 -21.16
N LEU C 53 1.91 -2.40 -22.40
CA LEU C 53 3.31 -2.23 -22.74
C LEU C 53 3.73 -0.81 -22.39
N GLU C 54 4.80 -0.67 -21.64
CA GLU C 54 5.25 0.66 -21.25
C GLU C 54 6.33 1.13 -22.22
N VAL C 55 5.89 1.78 -23.29
CA VAL C 55 6.84 2.33 -24.26
C VAL C 55 7.62 3.48 -23.64
N ASN C 56 6.96 4.28 -22.82
CA ASN C 56 7.58 5.46 -22.21
C ASN C 56 8.30 5.05 -20.93
N ASN C 57 9.32 4.21 -21.08
CA ASN C 57 10.03 3.71 -19.91
C ASN C 57 11.11 4.67 -19.42
N VAL C 58 10.97 5.96 -19.68
CA VAL C 58 11.93 6.99 -19.28
C VAL C 58 11.82 7.41 -17.80
N PRO C 59 10.68 7.83 -17.24
CA PRO C 59 10.73 8.36 -15.87
C PRO C 59 10.86 7.27 -14.81
N THR C 60 11.64 7.57 -13.77
CA THR C 60 12.02 6.56 -12.79
C THR C 60 11.66 6.88 -11.35
N ASN C 61 11.43 8.14 -10.99
CA ASN C 61 11.17 8.45 -9.60
C ASN C 61 9.79 7.97 -9.17
N ALA C 62 9.62 7.76 -7.86
CA ALA C 62 8.43 7.08 -7.37
C ALA C 62 7.17 7.92 -7.49
N THR C 63 7.29 9.24 -7.61
CA THR C 63 6.11 10.07 -7.77
C THR C 63 5.64 10.16 -9.21
N SER C 64 6.36 9.56 -10.15
CA SER C 64 5.96 9.65 -11.56
C SER C 64 6.09 8.31 -12.25
N LEU C 65 5.93 7.21 -11.54
CA LEU C 65 5.99 5.91 -12.18
C LEU C 65 4.76 5.60 -13.00
N MET C 66 3.64 6.28 -12.75
CA MET C 66 2.48 6.12 -13.59
C MET C 66 2.62 6.81 -14.93
N GLU C 67 3.64 7.65 -15.10
CA GLU C 67 3.92 8.27 -16.38
C GLU C 67 4.42 7.28 -17.41
N ARG C 68 4.81 6.08 -17.00
CA ARG C 68 5.46 5.16 -17.91
C ARG C 68 4.46 4.45 -18.81
N LEU C 69 3.20 4.38 -18.39
CA LEU C 69 2.25 3.52 -19.08
C LEU C 69 1.75 4.08 -20.40
N ARG C 70 2.05 5.34 -20.70
CA ARG C 70 1.47 5.99 -21.86
C ARG C 70 2.42 7.07 -22.35
N PHE C 71 2.46 7.25 -23.67
CA PHE C 71 3.39 8.19 -24.24
C PHE C 71 2.66 9.28 -25.03
N PRO C 72 3.15 10.51 -25.01
CA PRO C 72 2.36 11.62 -25.53
C PRO C 72 2.43 11.79 -27.03
N VAL C 73 1.33 12.29 -27.58
CA VAL C 73 1.32 12.91 -28.90
C VAL C 73 0.88 14.35 -28.71
N SER C 74 1.26 15.20 -29.66
CA SER C 74 0.94 16.61 -29.58
C SER C 74 0.94 17.18 -30.97
N ALA C 75 0.43 18.40 -31.10
CA ALA C 75 0.33 19.05 -32.40
C ALA C 75 1.71 19.49 -32.85
N GLN C 76 2.30 18.73 -33.75
CA GLN C 76 3.62 19.08 -34.29
C GLN C 76 3.47 20.15 -35.35
N ALA C 77 4.45 21.03 -35.42
CA ALA C 77 4.52 22.03 -36.48
C ALA C 77 5.47 21.59 -37.58
N GLY C 78 5.14 20.49 -38.25
CA GLY C 78 6.03 20.01 -39.29
C GLY C 78 5.63 18.76 -40.02
N LYS C 79 6.63 17.99 -40.44
CA LYS C 79 6.47 16.91 -41.41
C LYS C 79 7.13 15.65 -40.88
N GLY C 80 6.32 14.70 -40.40
CA GLY C 80 6.77 13.36 -40.10
C GLY C 80 7.77 13.21 -38.98
N GLU C 81 7.39 13.62 -37.77
CA GLU C 81 8.30 13.53 -36.64
C GLU C 81 8.16 12.19 -35.93
N LEU C 82 9.25 11.77 -35.29
CA LEU C 82 9.27 10.51 -34.56
C LEU C 82 8.57 10.67 -33.23
N CYS C 83 7.56 9.85 -32.97
CA CYS C 83 6.83 9.93 -31.71
C CYS C 83 7.47 9.07 -30.64
N ALA C 84 7.65 7.79 -30.92
CA ALA C 84 8.25 6.86 -29.96
C ALA C 84 8.86 5.72 -30.74
N VAL C 85 9.85 5.07 -30.15
CA VAL C 85 10.46 3.89 -30.74
C VAL C 85 10.84 2.93 -29.61
N PHE C 86 10.65 1.63 -29.86
CA PHE C 86 10.99 0.64 -28.87
C PHE C 86 11.41 -0.65 -29.56
N ARG C 87 12.20 -1.43 -28.84
CA ARG C 87 12.60 -2.76 -29.30
C ARG C 87 11.37 -3.66 -29.38
N ALA C 88 11.32 -4.51 -30.40
CA ALA C 88 10.18 -5.37 -30.58
C ALA C 88 10.41 -6.79 -30.09
N ASP C 89 11.24 -6.99 -29.07
CA ASP C 89 11.48 -8.34 -28.59
C ASP C 89 11.11 -8.48 -27.12
N PRO C 90 10.32 -9.49 -26.75
CA PRO C 90 9.86 -9.62 -25.37
C PRO C 90 10.91 -10.10 -24.40
N GLY C 91 12.07 -10.54 -24.86
CA GLY C 91 13.07 -10.97 -23.91
C GLY C 91 13.99 -9.89 -23.43
N ARG C 92 14.26 -8.89 -24.24
CA ARG C 92 15.25 -7.88 -23.92
C ARG C 92 14.70 -6.96 -22.84
N ASP C 93 15.59 -6.54 -21.95
CA ASP C 93 15.26 -5.59 -20.91
C ASP C 93 14.81 -4.26 -21.50
N GLY C 94 13.58 -3.88 -21.24
CA GLY C 94 13.07 -2.65 -21.79
C GLY C 94 11.59 -2.46 -21.56
N PRO C 95 10.87 -2.13 -22.63
CA PRO C 95 9.43 -1.90 -22.49
C PRO C 95 8.65 -3.16 -22.18
N TRP C 96 9.08 -4.29 -22.73
CA TRP C 96 8.33 -5.52 -22.63
C TRP C 96 8.43 -6.20 -21.28
N GLN C 97 9.13 -5.64 -20.30
CA GLN C 97 9.15 -6.32 -19.02
C GLN C 97 7.93 -6.04 -18.16
N SER C 98 7.04 -5.15 -18.59
CA SER C 98 5.83 -4.91 -17.84
C SER C 98 4.68 -5.80 -18.28
N THR C 99 4.68 -6.28 -19.50
CA THR C 99 3.58 -7.09 -19.98
C THR C 99 3.75 -8.54 -19.56
N MET C 100 2.63 -9.25 -19.45
CA MET C 100 2.68 -10.65 -19.02
C MET C 100 3.17 -11.55 -20.15
N LEU C 101 3.06 -11.11 -21.40
CA LEU C 101 3.79 -11.77 -22.48
C LEU C 101 5.28 -11.73 -22.22
N GLY C 102 5.79 -10.60 -21.73
CA GLY C 102 7.21 -10.45 -21.51
C GLY C 102 7.72 -10.94 -20.18
N GLN C 103 6.84 -11.38 -19.28
CA GLN C 103 7.29 -11.96 -18.03
C GLN C 103 6.96 -13.44 -17.87
N LEU C 104 6.03 -13.97 -18.64
CA LEU C 104 5.98 -15.41 -18.80
C LEU C 104 7.01 -15.90 -19.80
N CYS C 105 7.46 -15.02 -20.68
CA CYS C 105 8.57 -15.38 -21.55
C CYS C 105 9.89 -15.31 -20.80
N GLY C 106 9.91 -14.67 -19.63
CA GLY C 106 11.09 -14.72 -18.79
C GLY C 106 11.37 -16.07 -18.19
N TYR C 107 10.39 -16.96 -18.17
CA TYR C 107 10.59 -18.32 -17.69
C TYR C 107 10.92 -19.30 -18.80
N TYR C 108 10.91 -18.90 -20.06
CA TYR C 108 11.15 -19.82 -21.15
C TYR C 108 12.31 -19.31 -21.99
N THR C 109 13.23 -20.22 -22.34
CA THR C 109 14.49 -19.83 -22.95
C THR C 109 14.29 -19.29 -24.36
N GLN C 110 13.35 -19.86 -25.10
CA GLN C 110 13.22 -19.50 -26.49
C GLN C 110 11.76 -19.55 -26.90
N TRP C 111 11.33 -18.54 -27.65
CA TRP C 111 9.95 -18.34 -28.03
C TRP C 111 9.84 -18.31 -29.55
N SER C 112 8.61 -18.43 -30.05
CA SER C 112 8.38 -18.23 -31.48
C SER C 112 6.97 -17.74 -31.69
N GLY C 113 6.72 -17.26 -32.89
CA GLY C 113 5.39 -16.86 -33.25
C GLY C 113 5.25 -15.36 -33.37
N SER C 114 4.28 -14.92 -34.18
CA SER C 114 4.04 -13.50 -34.31
C SER C 114 3.33 -12.97 -33.08
N LEU C 115 3.46 -11.68 -32.85
CA LEU C 115 2.96 -11.07 -31.64
C LEU C 115 2.44 -9.67 -31.96
N GLU C 116 1.41 -9.25 -31.24
CA GLU C 116 0.66 -8.06 -31.60
C GLU C 116 0.86 -6.96 -30.58
N VAL C 117 0.83 -5.71 -31.06
CA VAL C 117 0.91 -4.53 -30.22
C VAL C 117 -0.28 -3.66 -30.58
N THR C 118 -1.02 -3.22 -29.57
CA THR C 118 -2.25 -2.46 -29.76
C THR C 118 -2.08 -1.09 -29.13
N PHE C 119 -2.44 -0.04 -29.87
CA PHE C 119 -2.27 1.33 -29.41
C PHE C 119 -3.64 1.98 -29.26
N MET C 120 -4.04 2.28 -28.04
CA MET C 120 -5.32 2.92 -27.79
C MET C 120 -5.12 4.42 -27.63
N PHE C 121 -5.72 5.19 -28.52
CA PHE C 121 -5.62 6.64 -28.46
C PHE C 121 -6.60 7.19 -27.44
N THR C 122 -6.09 7.86 -26.42
CA THR C 122 -6.91 8.37 -25.33
C THR C 122 -7.06 9.88 -25.37
N GLY C 123 -7.15 10.46 -26.55
CA GLY C 123 -7.36 11.88 -26.66
C GLY C 123 -8.83 12.23 -26.52
N SER C 124 -9.15 13.45 -26.97
CA SER C 124 -10.53 13.90 -26.95
C SER C 124 -11.27 13.36 -28.17
N PHE C 125 -12.55 13.68 -28.29
CA PHE C 125 -13.30 13.19 -29.43
C PHE C 125 -12.91 13.92 -30.70
N MET C 126 -12.81 15.25 -30.62
CA MET C 126 -12.68 16.06 -31.82
C MET C 126 -11.23 16.31 -32.20
N ALA C 127 -10.31 15.49 -31.73
CA ALA C 127 -8.90 15.60 -32.06
C ALA C 127 -8.52 14.43 -32.96
N THR C 128 -8.13 14.73 -34.20
CA THR C 128 -7.86 13.70 -35.18
C THR C 128 -6.42 13.78 -35.64
N GLY C 129 -5.97 12.70 -36.29
CA GLY C 129 -4.63 12.61 -36.82
C GLY C 129 -4.37 11.23 -37.35
N LYS C 130 -3.25 11.09 -38.03
CA LYS C 130 -2.86 9.82 -38.61
C LYS C 130 -1.44 9.50 -38.20
N MET C 131 -1.23 8.31 -37.65
CA MET C 131 0.09 7.88 -37.21
C MET C 131 0.55 6.71 -38.05
N LEU C 132 1.85 6.60 -38.26
CA LEU C 132 2.45 5.52 -39.01
C LEU C 132 3.23 4.67 -38.03
N ILE C 133 2.84 3.42 -37.88
CA ILE C 133 3.43 2.51 -36.91
C ILE C 133 4.20 1.48 -37.70
N ALA C 134 5.52 1.57 -37.73
CA ALA C 134 6.33 0.78 -38.65
C ALA C 134 7.21 -0.21 -37.90
N TYR C 135 7.10 -1.48 -38.24
CA TYR C 135 7.96 -2.53 -37.72
C TYR C 135 9.11 -2.76 -38.68
N THR C 136 10.30 -2.46 -38.24
CA THR C 136 11.46 -2.72 -39.06
C THR C 136 12.06 -4.06 -38.71
N PRO C 137 12.21 -4.96 -39.68
CA PRO C 137 12.80 -6.29 -39.43
C PRO C 137 14.26 -6.19 -39.03
N PRO C 138 14.87 -7.27 -38.51
CA PRO C 138 16.24 -7.15 -37.98
C PRO C 138 17.27 -6.82 -39.03
N GLY C 139 18.38 -6.31 -38.57
CA GLY C 139 19.43 -5.85 -39.46
C GLY C 139 19.30 -4.40 -39.79
N GLY C 140 18.12 -3.98 -40.20
CA GLY C 140 17.86 -2.59 -40.49
C GLY C 140 17.90 -1.78 -39.22
N PRO C 141 18.75 -0.75 -39.19
CA PRO C 141 18.95 0.01 -37.95
C PRO C 141 17.80 0.94 -37.64
N LEU C 142 17.96 1.74 -36.60
CA LEU C 142 16.97 2.74 -36.23
C LEU C 142 16.78 3.75 -37.36
N PRO C 143 15.58 3.88 -37.92
CA PRO C 143 15.40 4.71 -39.11
C PRO C 143 15.52 6.19 -38.80
N LYS C 144 16.06 6.93 -39.76
CA LYS C 144 16.41 8.31 -39.51
C LYS C 144 15.30 9.28 -39.92
N ASP C 145 14.44 8.89 -40.86
CA ASP C 145 13.29 9.69 -41.21
C ASP C 145 12.15 8.77 -41.57
N ARG C 146 10.97 9.35 -41.79
CA ARG C 146 9.76 8.56 -41.99
C ARG C 146 9.78 7.81 -43.31
N ALA C 147 10.57 8.27 -44.28
CA ALA C 147 10.59 7.67 -45.60
C ALA C 147 11.58 6.51 -45.70
N THR C 148 12.21 6.10 -44.61
CA THR C 148 12.93 4.84 -44.58
C THR C 148 12.28 3.81 -43.68
N ALA C 149 11.58 4.23 -42.64
CA ALA C 149 10.76 3.30 -41.88
C ALA C 149 9.50 2.92 -42.62
N MET C 150 9.11 3.72 -43.62
CA MET C 150 8.04 3.37 -44.55
C MET C 150 8.30 2.06 -45.27
N LEU C 151 9.57 1.70 -45.50
CA LEU C 151 9.90 0.53 -46.28
C LEU C 151 9.54 -0.78 -45.58
N GLY C 152 9.57 -0.81 -44.26
CA GLY C 152 9.27 -2.03 -43.54
C GLY C 152 7.79 -2.34 -43.49
N THR C 153 7.45 -3.31 -42.65
CA THR C 153 6.04 -3.58 -42.36
C THR C 153 5.48 -2.40 -41.58
N HIS C 154 4.34 -1.86 -42.01
CA HIS C 154 3.83 -0.68 -41.34
C HIS C 154 2.31 -0.63 -41.44
N VAL C 155 1.72 0.18 -40.56
CA VAL C 155 0.29 0.37 -40.47
C VAL C 155 0.02 1.86 -40.47
N ILE C 156 -0.88 2.32 -41.33
CA ILE C 156 -1.38 3.68 -41.26
C ILE C 156 -2.58 3.67 -40.33
N TRP C 157 -2.49 4.37 -39.22
CA TRP C 157 -3.52 4.35 -38.21
C TRP C 157 -4.26 5.66 -38.18
N ASP C 158 -5.57 5.59 -38.35
CA ASP C 158 -6.44 6.75 -38.32
C ASP C 158 -7.12 6.83 -36.96
N PHE C 159 -7.23 8.04 -36.43
CA PHE C 159 -7.95 8.24 -35.18
C PHE C 159 -9.43 8.38 -35.49
N GLY C 160 -10.23 7.46 -35.00
CA GLY C 160 -11.64 7.45 -35.34
C GLY C 160 -12.50 7.00 -34.19
N LEU C 161 -13.68 6.48 -34.53
CA LEU C 161 -14.61 6.03 -33.50
C LEU C 161 -14.13 4.72 -32.88
N GLN C 162 -13.57 3.83 -33.70
CA GLN C 162 -12.78 2.71 -33.19
C GLN C 162 -11.43 3.27 -32.79
N SER C 163 -11.16 3.30 -31.49
CA SER C 163 -10.07 4.11 -30.97
C SER C 163 -8.70 3.49 -31.22
N SER C 164 -8.60 2.17 -31.28
CA SER C 164 -7.32 1.50 -31.26
C SER C 164 -7.05 0.77 -32.57
N VAL C 165 -5.76 0.53 -32.84
CA VAL C 165 -5.32 -0.26 -33.98
C VAL C 165 -4.36 -1.29 -33.42
N THR C 166 -4.12 -2.35 -34.18
CA THR C 166 -3.19 -3.40 -33.79
C THR C 166 -2.10 -3.51 -34.83
N LEU C 167 -0.91 -3.02 -34.52
CA LEU C 167 0.27 -3.43 -35.26
C LEU C 167 0.52 -4.89 -34.96
N VAL C 168 0.57 -5.73 -35.99
CA VAL C 168 0.87 -7.14 -35.81
C VAL C 168 2.29 -7.38 -36.29
N ILE C 169 3.21 -7.49 -35.35
CA ILE C 169 4.60 -7.81 -35.63
C ILE C 169 4.65 -9.24 -36.14
N PRO C 170 4.96 -9.48 -37.40
CA PRO C 170 4.89 -10.84 -37.92
C PRO C 170 6.11 -11.65 -37.48
N TRP C 171 6.01 -12.95 -37.66
CA TRP C 171 7.13 -13.81 -37.32
C TRP C 171 8.06 -13.88 -38.52
N ILE C 172 9.04 -12.99 -38.52
CA ILE C 172 10.09 -12.98 -39.51
C ILE C 172 11.37 -13.40 -38.81
N SER C 173 11.91 -14.56 -39.16
CA SER C 173 13.14 -15.04 -38.56
C SER C 173 13.89 -15.93 -39.53
N ASN C 174 15.17 -16.10 -39.25
CA ASN C 174 15.98 -17.09 -39.91
C ASN C 174 15.92 -18.45 -39.22
N THR C 175 15.23 -18.53 -38.09
CA THR C 175 15.24 -19.70 -37.23
C THR C 175 13.84 -19.98 -36.71
N HIS C 176 13.60 -21.23 -36.32
CA HIS C 176 12.25 -21.64 -35.90
C HIS C 176 11.87 -21.00 -34.58
N TYR C 177 12.70 -21.15 -33.55
CA TYR C 177 12.55 -20.46 -32.29
C TYR C 177 13.69 -19.47 -32.16
N ARG C 178 13.48 -18.39 -31.43
CA ARG C 178 14.60 -17.54 -31.12
C ARG C 178 14.67 -17.32 -29.62
N ALA C 179 15.88 -17.25 -29.09
CA ALA C 179 16.08 -17.09 -27.65
C ALA C 179 16.05 -15.59 -27.33
N HIS C 180 16.47 -15.23 -26.14
CA HIS C 180 16.28 -13.86 -25.69
C HIS C 180 17.42 -12.99 -26.16
N ALA C 181 17.09 -11.90 -26.83
CA ALA C 181 18.09 -11.04 -27.40
C ALA C 181 18.68 -10.14 -26.33
N ARG C 182 19.98 -10.28 -26.10
CA ARG C 182 20.71 -9.41 -25.20
C ARG C 182 21.89 -8.85 -25.97
N ASP C 183 22.67 -7.99 -25.33
CA ASP C 183 23.81 -7.39 -26.02
C ASP C 183 24.94 -8.40 -26.10
N GLY C 184 25.55 -8.51 -27.28
CA GLY C 184 26.62 -9.45 -27.52
C GLY C 184 26.32 -10.31 -28.74
N VAL C 185 26.74 -11.57 -28.67
CA VAL C 185 26.42 -12.50 -29.74
C VAL C 185 25.01 -13.04 -29.61
N PHE C 186 24.33 -12.74 -28.51
CA PHE C 186 22.91 -13.05 -28.35
C PHE C 186 22.01 -12.01 -28.98
N ASP C 187 22.58 -10.97 -29.55
CA ASP C 187 21.84 -10.01 -30.37
C ASP C 187 21.55 -10.55 -31.75
N TYR C 188 22.07 -11.75 -32.05
CA TYR C 188 21.66 -12.51 -33.22
C TYR C 188 20.17 -12.76 -33.24
N TYR C 189 19.54 -12.89 -32.08
CA TYR C 189 18.12 -13.19 -31.97
C TYR C 189 17.28 -11.95 -31.76
N THR C 190 17.69 -10.80 -32.31
CA THR C 190 16.85 -9.63 -32.15
C THR C 190 15.65 -9.72 -33.08
N THR C 191 14.56 -9.07 -32.69
CA THR C 191 13.33 -9.16 -33.43
C THR C 191 13.11 -7.96 -34.33
N GLY C 192 13.59 -6.80 -33.93
CA GLY C 192 13.53 -5.65 -34.79
C GLY C 192 13.24 -4.43 -33.96
N LEU C 193 12.74 -3.40 -34.64
CA LEU C 193 12.35 -2.16 -33.98
C LEU C 193 10.96 -1.77 -34.42
N VAL C 194 10.21 -1.17 -33.51
CA VAL C 194 8.91 -0.59 -33.81
C VAL C 194 9.01 0.89 -33.58
N SER C 195 8.82 1.68 -34.63
CA SER C 195 8.92 3.12 -34.55
C SER C 195 7.61 3.74 -34.98
N ILE C 196 7.21 4.81 -34.30
CA ILE C 196 5.90 5.43 -34.47
C ILE C 196 6.13 6.84 -34.98
N TRP C 197 5.57 7.14 -36.14
CA TRP C 197 5.81 8.39 -36.83
C TRP C 197 4.50 9.12 -37.04
N TYR C 198 4.51 10.43 -36.87
CA TYR C 198 3.37 11.24 -37.28
C TYR C 198 3.22 11.16 -38.78
N GLN C 199 2.02 10.82 -39.26
CA GLN C 199 1.97 10.85 -40.71
C GLN C 199 1.45 12.17 -41.23
N THR C 200 0.39 12.72 -40.65
CA THR C 200 -0.04 14.06 -41.04
C THR C 200 0.22 15.05 -39.92
N ASN C 201 -0.50 14.96 -38.81
CA ASN C 201 -0.36 15.87 -37.67
C ASN C 201 -1.28 15.35 -36.57
N TYR C 202 -1.46 16.13 -35.52
CA TYR C 202 -2.50 15.94 -34.52
C TYR C 202 -3.28 17.25 -34.45
N VAL C 203 -4.41 17.34 -35.14
CA VAL C 203 -5.13 18.61 -35.22
C VAL C 203 -6.27 18.63 -34.21
N VAL C 204 -6.48 19.79 -33.62
CA VAL C 204 -7.52 19.99 -32.61
C VAL C 204 -8.30 21.24 -32.95
N PRO C 205 -9.52 21.39 -32.47
CA PRO C 205 -10.17 22.69 -32.49
C PRO C 205 -9.71 23.52 -31.31
N ILE C 206 -10.23 24.72 -31.21
CA ILE C 206 -9.98 25.53 -30.03
C ILE C 206 -10.85 25.04 -28.90
N GLY C 207 -10.24 24.77 -27.76
CA GLY C 207 -10.92 24.18 -26.64
C GLY C 207 -10.59 22.72 -26.40
N ALA C 208 -9.88 22.13 -27.24
CA ALA C 208 -9.45 20.77 -26.99
C ALA C 208 -8.01 20.77 -26.49
N PRO C 209 -7.61 19.81 -25.67
CA PRO C 209 -6.23 19.76 -25.21
C PRO C 209 -5.29 19.37 -26.35
N ASN C 210 -4.25 20.15 -26.54
CA ASN C 210 -3.30 19.90 -27.61
C ASN C 210 -2.20 18.93 -27.24
N THR C 211 -2.43 18.04 -26.27
CA THR C 211 -1.50 16.99 -25.92
C THR C 211 -2.29 15.78 -25.48
N ALA C 212 -2.21 14.71 -26.25
CA ALA C 212 -2.96 13.50 -25.98
C ALA C 212 -2.00 12.35 -25.76
N TYR C 213 -2.51 11.28 -25.17
CA TYR C 213 -1.68 10.19 -24.69
C TYR C 213 -2.12 8.88 -25.31
N ILE C 214 -1.17 8.08 -25.75
CA ILE C 214 -1.45 6.80 -26.38
C ILE C 214 -1.00 5.68 -25.45
N ILE C 215 -1.91 4.77 -25.13
CA ILE C 215 -1.61 3.63 -24.28
C ILE C 215 -1.32 2.43 -25.15
N ALA C 216 -0.14 1.85 -24.99
CA ALA C 216 0.30 0.75 -25.82
C ALA C 216 0.03 -0.57 -25.13
N LEU C 217 -0.84 -1.38 -25.72
CA LEU C 217 -1.17 -2.69 -25.21
C LEU C 217 -0.46 -3.74 -26.07
N ALA C 218 -0.06 -4.86 -25.48
CA ALA C 218 0.72 -5.84 -26.21
C ALA C 218 0.43 -7.24 -25.74
N ALA C 219 0.36 -8.18 -26.68
CA ALA C 219 0.12 -9.59 -26.40
C ALA C 219 0.72 -10.40 -27.53
N ALA C 220 0.35 -11.66 -27.62
CA ALA C 220 0.83 -12.52 -28.69
C ALA C 220 -0.33 -13.07 -29.50
N GLN C 221 0.00 -13.65 -30.64
CA GLN C 221 -0.99 -14.23 -31.52
C GLN C 221 -1.27 -15.65 -31.09
N LYS C 222 -2.02 -16.39 -31.90
CA LYS C 222 -2.35 -17.75 -31.56
C LYS C 222 -1.34 -18.76 -32.09
N ASN C 223 -0.31 -18.31 -32.81
CA ASN C 223 0.78 -19.19 -33.17
C ASN C 223 2.01 -18.99 -32.31
N PHE C 224 1.82 -18.50 -31.10
CA PHE C 224 2.92 -18.22 -30.18
C PHE C 224 3.16 -19.45 -29.32
N THR C 225 4.38 -19.97 -29.33
CA THR C 225 4.77 -21.10 -28.51
C THR C 225 6.07 -20.77 -27.79
N MET C 226 6.28 -21.40 -26.65
CA MET C 226 7.52 -21.27 -25.92
C MET C 226 8.00 -22.65 -25.51
N LYS C 227 9.29 -22.76 -25.20
CA LYS C 227 9.85 -24.04 -24.79
C LYS C 227 11.09 -23.82 -23.94
N LEU C 228 11.56 -24.92 -23.37
CA LEU C 228 12.80 -25.02 -22.59
C LEU C 228 12.75 -24.08 -21.38
N CYS C 229 11.89 -24.45 -20.43
CA CYS C 229 11.62 -23.61 -19.28
C CYS C 229 12.85 -23.44 -18.39
N LYS C 230 13.03 -22.22 -17.88
CA LYS C 230 14.18 -21.84 -17.08
C LYS C 230 13.70 -20.91 -15.97
N ASP C 231 14.62 -20.49 -15.11
CA ASP C 231 14.26 -19.51 -14.09
C ASP C 231 14.42 -18.10 -14.62
N THR C 232 13.65 -17.19 -14.04
CA THR C 232 13.57 -15.84 -14.55
C THR C 232 14.80 -15.04 -14.16
N SER C 233 14.97 -13.90 -14.83
CA SER C 233 16.22 -13.16 -14.71
C SER C 233 16.28 -12.29 -13.47
N HIS C 234 15.15 -11.79 -12.99
CA HIS C 234 15.09 -11.03 -11.76
C HIS C 234 14.86 -11.98 -10.60
N ILE C 235 15.59 -11.77 -9.51
CA ILE C 235 15.37 -12.51 -8.27
C ILE C 235 14.77 -11.55 -7.25
N LEU C 236 13.55 -11.85 -6.81
CA LEU C 236 12.76 -10.90 -6.04
C LEU C 236 13.00 -11.05 -4.55
N GLN C 237 14.27 -11.00 -4.15
CA GLN C 237 14.66 -11.24 -2.78
C GLN C 237 16.05 -10.70 -2.60
N THR C 238 16.29 -9.99 -1.50
CA THR C 238 17.62 -9.50 -1.18
C THR C 238 18.20 -10.18 0.05
N ALA C 239 17.41 -10.25 1.11
CA ALA C 239 17.86 -10.83 2.38
C ALA C 239 16.96 -12.02 2.70
N SER C 240 17.04 -12.49 3.94
CA SER C 240 16.10 -13.47 4.42
C SER C 240 14.69 -12.87 4.47
N ILE C 241 13.74 -13.53 3.81
CA ILE C 241 12.35 -13.11 3.92
C ILE C 241 11.85 -13.49 5.30
N GLN C 242 11.60 -12.49 6.14
CA GLN C 242 11.23 -12.73 7.53
C GLN C 242 9.84 -13.35 7.65
N SER D 1 -4.25 -52.46 -11.75
CA SER D 1 -4.63 -51.07 -11.54
C SER D 1 -5.89 -50.97 -10.69
N HIS D 2 -5.75 -51.16 -9.39
CA HIS D 2 -6.87 -51.17 -8.45
C HIS D 2 -6.63 -50.14 -7.35
N GLU D 3 -6.38 -48.91 -7.78
CA GLU D 3 -6.00 -47.83 -6.89
C GLU D 3 -7.21 -47.01 -6.47
N ASN D 4 -7.02 -46.19 -5.45
CA ASN D 4 -8.04 -45.26 -4.99
C ASN D 4 -7.97 -43.99 -5.82
N SER D 5 -9.09 -43.27 -5.89
CA SER D 5 -9.14 -42.03 -6.67
C SER D 5 -8.79 -40.84 -5.76
N ASN D 6 -7.51 -40.80 -5.38
CA ASN D 6 -7.03 -39.82 -4.42
C ASN D 6 -6.34 -38.61 -5.06
N SER D 7 -6.16 -38.61 -6.37
CA SER D 7 -5.34 -37.57 -6.99
C SER D 7 -6.08 -36.25 -7.03
N ALA D 8 -5.31 -35.17 -6.98
CA ALA D 8 -5.89 -33.83 -7.04
C ALA D 8 -6.19 -33.35 -8.45
N THR D 9 -6.27 -34.25 -9.42
CA THR D 9 -6.61 -33.90 -10.78
C THR D 9 -7.87 -34.62 -11.27
N GLU D 10 -8.56 -35.31 -10.38
CA GLU D 10 -9.86 -35.89 -10.73
C GLU D 10 -10.87 -34.78 -10.99
N GLY D 11 -11.66 -34.93 -12.04
CA GLY D 11 -12.57 -33.87 -12.45
C GLY D 11 -12.59 -33.61 -13.93
N SER D 12 -12.01 -34.52 -14.71
CA SER D 12 -12.06 -34.49 -16.17
C SER D 12 -12.61 -35.82 -16.67
N THR D 13 -12.87 -35.88 -17.98
CA THR D 13 -13.37 -37.11 -18.58
C THR D 13 -12.24 -38.10 -18.82
N ILE D 14 -11.18 -37.67 -19.49
CA ILE D 14 -10.06 -38.53 -19.80
C ILE D 14 -9.12 -38.63 -18.61
N ASN D 15 -8.48 -39.79 -18.49
CA ASN D 15 -7.41 -39.99 -17.53
C ASN D 15 -6.07 -39.62 -18.17
N TYR D 16 -5.02 -39.73 -17.37
CA TYR D 16 -3.69 -39.42 -17.89
C TYR D 16 -2.82 -40.66 -17.87
N THR D 17 -1.67 -40.56 -18.53
CA THR D 17 -0.73 -41.67 -18.62
C THR D 17 0.30 -41.55 -17.50
N THR D 18 -0.16 -41.85 -16.30
CA THR D 18 0.66 -41.77 -15.10
C THR D 18 0.85 -43.16 -14.51
N ILE D 19 2.11 -43.58 -14.41
CA ILE D 19 2.44 -44.88 -13.84
C ILE D 19 2.53 -44.73 -12.33
N ASN D 20 1.96 -45.69 -11.62
CA ASN D 20 1.84 -45.65 -10.17
C ASN D 20 2.15 -47.03 -9.63
N TYR D 21 2.75 -47.06 -8.45
CA TYR D 21 3.17 -48.29 -7.83
C TYR D 21 2.49 -48.54 -6.49
N TYR D 22 1.96 -47.51 -5.86
CA TYR D 22 1.30 -47.60 -4.57
C TYR D 22 -0.20 -47.62 -4.80
N LYS D 23 -0.97 -47.76 -3.74
CA LYS D 23 -2.41 -47.86 -3.91
C LYS D 23 -3.11 -46.50 -3.90
N ASP D 24 -2.35 -45.41 -3.85
CA ASP D 24 -2.91 -44.07 -3.79
C ASP D 24 -2.53 -43.27 -5.03
N SER D 25 -3.52 -42.63 -5.63
CA SER D 25 -3.33 -41.97 -6.91
C SER D 25 -2.54 -40.68 -6.81
N TYR D 26 -2.42 -40.09 -5.62
CA TYR D 26 -1.64 -38.88 -5.53
C TYR D 26 -0.15 -39.16 -5.50
N ALA D 27 0.25 -40.40 -5.27
CA ALA D 27 1.64 -40.77 -5.33
C ALA D 27 2.10 -41.12 -6.74
N ALA D 28 1.26 -40.89 -7.75
CA ALA D 28 1.58 -41.29 -9.10
C ALA D 28 2.52 -40.29 -9.76
N THR D 29 2.82 -40.55 -11.01
CA THR D 29 3.63 -39.66 -11.83
C THR D 29 2.80 -38.42 -12.15
N ALA D 30 3.47 -37.33 -12.53
CA ALA D 30 2.70 -36.19 -13.03
C ALA D 30 2.11 -36.50 -14.39
N GLY D 31 2.82 -37.28 -15.20
CA GLY D 31 2.31 -37.70 -16.48
C GLY D 31 2.24 -36.55 -17.48
N LYS D 32 1.55 -36.82 -18.57
CA LYS D 32 1.29 -35.80 -19.57
C LYS D 32 -0.21 -35.54 -19.62
N GLN D 33 -0.58 -34.27 -19.61
CA GLN D 33 -1.98 -33.92 -19.58
C GLN D 33 -2.45 -33.43 -20.94
N SER D 34 -3.75 -33.15 -21.02
CA SER D 34 -4.39 -32.84 -22.28
C SER D 34 -3.98 -31.46 -22.75
N LEU D 35 -3.74 -31.33 -24.04
CA LEU D 35 -3.35 -30.08 -24.64
C LEU D 35 -4.56 -29.31 -25.15
N LYS D 36 -5.55 -29.13 -24.30
CA LYS D 36 -6.70 -28.30 -24.62
C LYS D 36 -6.48 -26.94 -23.97
N GLN D 37 -6.69 -25.88 -24.74
CA GLN D 37 -6.61 -24.54 -24.18
C GLN D 37 -7.82 -23.76 -24.64
N ASP D 38 -8.24 -22.82 -23.81
CA ASP D 38 -9.39 -21.95 -24.08
C ASP D 38 -8.98 -20.52 -23.84
N PRO D 39 -8.39 -19.86 -24.85
CA PRO D 39 -7.96 -18.47 -24.66
C PRO D 39 -9.11 -17.49 -24.67
N ASP D 40 -10.27 -17.88 -25.20
CA ASP D 40 -11.37 -16.95 -25.35
C ASP D 40 -12.06 -16.58 -24.04
N LYS D 41 -11.74 -17.23 -22.94
CA LYS D 41 -12.29 -16.81 -21.66
C LYS D 41 -11.41 -15.81 -20.97
N PHE D 42 -10.19 -15.62 -21.44
CA PHE D 42 -9.33 -14.54 -20.98
C PHE D 42 -9.10 -13.47 -22.02
N ALA D 43 -9.04 -13.84 -23.30
CA ALA D 43 -8.80 -12.84 -24.33
C ALA D 43 -10.04 -11.99 -24.57
N ASN D 44 -11.12 -12.60 -25.07
CA ASN D 44 -12.35 -11.88 -25.39
C ASN D 44 -13.55 -12.49 -24.67
N PRO D 45 -13.72 -12.19 -23.38
CA PRO D 45 -14.85 -12.73 -22.62
C PRO D 45 -16.08 -11.84 -22.73
N VAL D 46 -16.39 -11.36 -23.92
CA VAL D 46 -17.49 -10.42 -24.09
C VAL D 46 -18.79 -11.21 -24.14
N LYS D 47 -19.91 -10.53 -23.98
CA LYS D 47 -21.20 -11.22 -23.99
C LYS D 47 -21.56 -11.64 -25.41
N ASP D 48 -21.64 -10.68 -26.33
CA ASP D 48 -21.97 -10.94 -27.72
C ASP D 48 -20.70 -10.84 -28.55
N ILE D 49 -20.17 -12.00 -28.95
CA ILE D 49 -18.84 -12.07 -29.54
C ILE D 49 -18.86 -11.52 -30.96
N PHE D 50 -18.12 -10.43 -31.16
CA PHE D 50 -18.00 -9.80 -32.46
C PHE D 50 -16.83 -10.41 -33.22
N THR D 51 -16.91 -10.37 -34.54
CA THR D 51 -15.91 -11.04 -35.36
C THR D 51 -14.72 -10.11 -35.61
N GLU D 52 -13.69 -10.68 -36.23
CA GLU D 52 -12.48 -9.94 -36.58
C GLU D 52 -12.73 -8.89 -37.64
N MET D 53 -13.48 -9.24 -38.69
CA MET D 53 -13.57 -8.43 -39.88
C MET D 53 -14.41 -7.18 -39.67
N ALA D 54 -15.42 -7.26 -38.81
CA ALA D 54 -16.29 -6.12 -38.59
C ALA D 54 -15.62 -5.11 -37.67
N ALA D 55 -16.07 -3.88 -37.78
CA ALA D 55 -15.68 -2.86 -36.80
C ALA D 55 -16.34 -3.22 -35.47
N PRO D 56 -15.61 -3.14 -34.35
CA PRO D 56 -16.18 -3.63 -33.08
C PRO D 56 -17.30 -2.77 -32.54
N LEU D 57 -17.36 -1.50 -32.91
CA LEU D 57 -18.42 -0.61 -32.44
C LEU D 57 -19.21 -0.15 -33.65
N LYS D 58 -20.23 -0.94 -34.01
CA LYS D 58 -21.08 -0.61 -35.14
C LYS D 58 -21.97 0.57 -34.75
N ILE E 13 35.91 47.29 37.12
CA ILE E 13 35.60 46.48 35.95
C ILE E 13 35.06 45.12 36.37
N GLU E 14 33.81 44.84 36.02
CA GLU E 14 33.19 43.54 36.32
C GLU E 14 33.31 42.63 35.10
N LYS E 15 34.55 42.27 34.79
CA LYS E 15 34.87 41.28 33.77
C LYS E 15 34.94 39.88 34.38
N LYS E 16 34.65 39.77 35.67
CA LYS E 16 34.60 38.48 36.35
C LYS E 16 33.48 37.60 35.80
N ILE E 17 32.37 38.21 35.38
CA ILE E 17 31.26 37.45 34.80
C ILE E 17 31.47 37.35 33.30
N VAL E 18 32.18 36.29 32.86
CA VAL E 18 32.32 35.94 31.46
C VAL E 18 32.19 34.44 31.32
N LEU E 19 32.04 33.99 30.07
CA LEU E 19 32.02 32.56 29.76
C LEU E 19 33.40 32.14 29.25
N ARG E 20 34.35 32.12 30.18
CA ARG E 20 35.70 31.65 29.94
C ARG E 20 35.96 30.40 30.77
N ASN E 21 36.63 29.42 30.16
CA ASN E 21 37.00 28.18 30.84
C ASN E 21 38.09 28.51 31.85
N GLY E 22 37.69 28.66 33.10
CA GLY E 22 38.57 29.16 34.15
C GLY E 22 37.86 30.20 35.00
N THR E 23 36.58 30.41 34.72
CA THR E 23 35.75 31.36 35.44
C THR E 23 34.59 30.65 36.12
N GLU E 24 34.06 31.27 37.17
CA GLU E 24 32.94 30.74 37.92
C GLU E 24 31.58 31.22 37.40
N ALA E 25 31.57 32.10 36.40
CA ALA E 25 30.33 32.40 35.70
C ALA E 25 30.05 31.40 34.59
N PHE E 26 31.11 30.80 34.02
CA PHE E 26 30.91 29.71 33.07
C PHE E 26 30.51 28.42 33.76
N ASP E 27 30.90 28.25 35.02
CA ASP E 27 30.49 27.07 35.76
C ASP E 27 29.00 27.09 36.10
N SER E 28 28.44 28.27 36.36
CA SER E 28 27.01 28.37 36.63
C SER E 28 26.19 28.17 35.36
N TRP E 29 26.74 28.54 34.21
CA TRP E 29 26.00 28.47 32.95
C TRP E 29 26.09 27.09 32.31
N GLU E 30 27.24 26.42 32.44
CA GLU E 30 27.35 25.05 31.95
C GLU E 30 26.47 24.10 32.75
N LYS E 31 26.50 24.23 34.08
CA LYS E 31 25.71 23.40 34.98
C LYS E 31 24.99 24.31 35.96
N PRO E 32 23.70 24.55 35.77
CA PRO E 32 22.94 25.40 36.70
C PRO E 32 22.73 24.71 38.03
N PRO E 33 23.27 25.26 39.13
CA PRO E 33 23.23 24.55 40.41
C PRO E 33 21.89 24.64 41.13
N LEU E 34 21.05 25.61 40.77
CA LEU E 34 19.83 25.87 41.50
C LEU E 34 18.68 25.15 40.82
N PRO E 35 17.85 24.40 41.55
CA PRO E 35 16.78 23.62 40.90
C PRO E 35 15.66 24.51 40.38
N VAL E 36 14.94 23.97 39.41
CA VAL E 36 13.81 24.67 38.78
C VAL E 36 12.56 23.84 39.04
N TYR E 37 11.54 24.50 39.59
CA TYR E 37 10.30 23.84 39.99
C TYR E 37 9.18 24.24 39.05
N THR E 38 8.55 23.26 38.41
CA THR E 38 7.48 23.48 37.47
C THR E 38 6.23 22.75 37.95
N GLN E 39 5.13 23.48 38.09
CA GLN E 39 3.87 22.91 38.52
C GLN E 39 2.87 22.96 37.37
N PHE E 40 2.46 21.78 36.91
CA PHE E 40 1.55 21.62 35.78
C PHE E 40 0.11 21.73 36.26
N TYR E 41 -0.60 22.72 35.74
CA TYR E 41 -2.01 22.94 36.05
C TYR E 41 -2.85 22.50 34.86
N PHE E 42 -3.96 21.82 35.15
CA PHE E 42 -4.83 21.28 34.13
C PHE E 42 -6.22 21.88 34.25
N PHE E 43 -7.02 21.71 33.21
CA PHE E 43 -8.44 22.08 33.21
C PHE E 43 -9.27 20.83 32.98
N ASN E 44 -10.23 20.58 33.86
CA ASN E 44 -11.07 19.39 33.80
C ASN E 44 -12.45 19.81 33.35
N VAL E 45 -12.94 19.18 32.29
CA VAL E 45 -14.23 19.54 31.70
C VAL E 45 -15.35 18.85 32.50
N THR E 46 -16.28 19.65 33.02
CA THR E 46 -17.35 19.10 33.83
C THR E 46 -18.59 18.73 33.03
N ASN E 47 -18.88 19.47 31.97
CA ASN E 47 -20.06 19.23 31.13
C ASN E 47 -19.64 18.98 29.67
N PRO E 48 -19.08 17.80 29.37
CA PRO E 48 -18.50 17.59 28.04
C PRO E 48 -19.52 17.41 26.93
N GLU E 49 -20.65 16.74 27.20
CA GLU E 49 -21.65 16.54 26.16
C GLU E 49 -22.42 17.82 25.87
N GLU E 50 -22.57 18.68 26.88
CA GLU E 50 -23.31 19.93 26.71
C GLU E 50 -22.54 20.92 25.85
N ILE E 51 -21.21 20.81 25.79
CA ILE E 51 -20.43 21.62 24.87
C ILE E 51 -20.69 21.17 23.43
N LEU E 52 -20.87 19.85 23.24
CA LEU E 52 -21.23 19.32 21.92
C LEU E 52 -22.63 19.73 21.51
N ARG E 53 -23.54 19.93 22.46
CA ARG E 53 -24.85 20.46 22.18
C ARG E 53 -24.85 21.96 21.95
N GLY E 54 -23.80 22.65 22.35
CA GLY E 54 -23.66 24.07 22.15
C GLY E 54 -23.87 24.95 23.36
N GLU E 55 -23.54 24.46 24.56
CA GLU E 55 -23.71 25.25 25.76
C GLU E 55 -22.38 25.85 26.19
N THR E 56 -22.44 26.69 27.22
CA THR E 56 -21.25 27.36 27.72
C THR E 56 -20.41 26.37 28.54
N PRO E 57 -19.13 26.23 28.25
CA PRO E 57 -18.29 25.28 29.00
C PRO E 57 -18.04 25.71 30.44
N ARG E 58 -17.84 24.70 31.29
CA ARG E 58 -17.54 24.89 32.71
C ARG E 58 -16.35 24.00 33.05
N VAL E 59 -15.27 24.61 33.55
CA VAL E 59 -14.03 23.88 33.79
C VAL E 59 -13.62 23.94 35.25
N GLU E 60 -12.48 23.33 35.57
CA GLU E 60 -11.95 23.29 36.93
C GLU E 60 -10.43 23.29 36.89
N GLU E 61 -9.82 24.25 37.57
CA GLU E 61 -8.36 24.31 37.68
C GLU E 61 -7.87 23.23 38.63
N VAL E 62 -7.05 22.31 38.12
CA VAL E 62 -6.64 21.14 38.87
C VAL E 62 -5.12 21.10 38.95
N GLY E 63 -4.60 21.03 40.17
CA GLY E 63 -3.17 20.93 40.41
C GLY E 63 -2.91 20.82 41.90
N PRO E 64 -1.64 21.02 42.32
CA PRO E 64 -0.44 21.24 41.51
C PRO E 64 0.29 19.95 41.18
N TYR E 65 1.07 19.95 40.10
CA TYR E 65 1.84 18.79 39.67
C TYR E 65 3.31 19.22 39.60
N THR E 66 3.99 19.14 40.75
CA THR E 66 5.33 19.69 40.87
C THR E 66 6.34 18.76 40.22
N TYR E 67 7.02 19.24 39.18
CA TYR E 67 8.19 18.58 38.63
C TYR E 67 9.43 19.36 39.06
N ARG E 68 10.46 18.66 39.47
CA ARG E 68 11.78 19.27 39.62
C ARG E 68 12.59 19.00 38.37
N GLU E 69 13.24 20.03 37.85
CA GLU E 69 13.91 19.93 36.56
C GLU E 69 15.38 19.56 36.73
N LEU E 70 15.98 19.17 35.61
CA LEU E 70 17.42 18.91 35.52
C LEU E 70 17.95 19.68 34.33
N ARG E 71 19.15 20.26 34.48
CA ARG E 71 19.74 21.12 33.47
C ARG E 71 21.23 20.84 33.33
N ASN E 72 21.71 20.84 32.09
CA ASN E 72 23.14 20.83 31.78
C ASN E 72 23.34 21.41 30.39
N LYS E 73 24.61 21.49 29.99
CA LYS E 73 24.99 21.91 28.65
C LYS E 73 25.90 20.85 28.03
N ALA E 74 25.69 20.58 26.75
CA ALA E 74 26.51 19.62 26.02
C ALA E 74 26.95 20.24 24.70
N ASN E 75 27.98 19.64 24.12
CA ASN E 75 28.55 20.03 22.82
C ASN E 75 28.99 21.50 22.79
N ILE E 76 29.72 21.89 23.83
CA ILE E 76 30.21 23.27 23.93
C ILE E 76 31.41 23.42 23.01
N GLN E 77 31.35 24.37 22.08
CA GLN E 77 32.46 24.66 21.18
C GLN E 77 32.67 26.16 21.12
N PHE E 78 33.94 26.55 21.01
CA PHE E 78 34.34 27.95 21.02
C PHE E 78 34.52 28.42 19.58
N GLY E 79 35.08 29.61 19.39
CA GLY E 79 35.34 30.09 18.05
C GLY E 79 35.41 31.60 18.00
N ASP E 80 35.99 32.09 16.90
CA ASP E 80 36.27 33.52 16.64
C ASP E 80 37.07 34.14 17.78
N ASN E 81 38.13 33.42 18.18
CA ASN E 81 39.07 33.83 19.24
C ASN E 81 38.38 34.04 20.58
N GLY E 82 37.36 33.21 20.87
CA GLY E 82 36.78 33.12 22.18
C GLY E 82 35.46 33.85 22.40
N THR E 83 34.97 34.62 21.41
CA THR E 83 33.79 35.44 21.63
C THR E 83 32.48 34.79 21.21
N THR E 84 32.53 33.71 20.41
CA THR E 84 31.32 33.03 19.96
C THR E 84 31.30 31.61 20.50
N ILE E 85 30.19 31.25 21.13
CA ILE E 85 30.04 29.96 21.79
C ILE E 85 28.71 29.34 21.37
N SER E 86 28.72 28.03 21.16
CA SER E 86 27.55 27.30 20.67
C SER E 86 27.42 25.99 21.44
N ALA E 87 26.27 25.78 22.08
CA ALA E 87 26.02 24.58 22.85
C ALA E 87 24.53 24.27 22.86
N VAL E 88 24.17 23.09 23.34
CA VAL E 88 22.78 22.68 23.45
C VAL E 88 22.37 22.75 24.91
N SER E 89 21.08 22.92 25.14
CA SER E 89 20.53 23.11 26.49
C SER E 89 19.49 22.03 26.77
N ASN E 90 19.92 20.92 27.35
CA ASN E 90 19.04 19.82 27.67
C ASN E 90 18.20 20.16 28.90
N LYS E 91 17.10 19.41 29.09
CA LYS E 91 16.11 19.76 30.10
C LYS E 91 15.30 18.52 30.43
N ALA E 92 15.54 17.94 31.60
CA ALA E 92 14.89 16.71 32.04
C ALA E 92 14.06 16.98 33.28
N TYR E 93 12.83 16.43 33.31
CA TYR E 93 11.87 16.72 34.37
C TYR E 93 11.73 15.51 35.28
N VAL E 94 11.72 15.76 36.59
CA VAL E 94 11.55 14.71 37.60
C VAL E 94 10.44 15.15 38.54
N PHE E 95 9.39 14.33 38.64
CA PHE E 95 8.22 14.64 39.45
C PHE E 95 8.53 14.59 40.94
N GLU E 96 7.96 15.53 41.69
CA GLU E 96 8.00 15.55 43.14
C GLU E 96 6.59 15.28 43.67
N ARG E 97 6.50 14.38 44.65
CA ARG E 97 5.20 13.85 45.07
C ARG E 97 4.59 14.60 46.26
N ASP E 98 5.42 14.96 47.25
CA ASP E 98 4.89 15.61 48.45
C ASP E 98 4.39 17.03 48.16
N GLN E 99 4.94 17.68 47.14
CA GLN E 99 4.49 19.00 46.73
C GLN E 99 3.39 18.94 45.68
N SER E 100 2.81 17.77 45.43
CA SER E 100 1.72 17.60 44.48
C SER E 100 0.54 16.96 45.19
N VAL E 101 -0.63 17.08 44.57
CA VAL E 101 -1.87 16.66 45.23
C VAL E 101 -1.99 15.12 45.28
N GLY E 102 -1.67 14.43 44.18
CA GLY E 102 -1.93 13.01 44.13
C GLY E 102 -1.05 12.35 43.09
N ASP E 103 -1.19 11.03 43.01
CA ASP E 103 -0.36 10.23 42.12
C ASP E 103 -0.78 10.46 40.68
N PRO E 104 0.09 10.97 39.80
CA PRO E 104 -0.35 11.35 38.46
C PRO E 104 -0.64 10.19 37.53
N LYS E 105 -0.11 9.00 37.80
CA LYS E 105 -0.39 7.87 36.91
C LYS E 105 -1.74 7.21 37.17
N ILE E 106 -2.52 7.74 38.12
CA ILE E 106 -3.90 7.35 38.32
C ILE E 106 -4.86 8.49 37.98
N ASP E 107 -4.48 9.72 38.30
CA ASP E 107 -5.28 10.93 38.15
C ASP E 107 -5.77 11.16 36.72
N LEU E 108 -7.08 10.98 36.52
CA LEU E 108 -7.68 11.08 35.20
C LEU E 108 -8.06 12.52 34.91
N ILE E 109 -7.67 13.01 33.74
CA ILE E 109 -7.90 14.39 33.33
C ILE E 109 -8.73 14.37 32.06
N ARG E 110 -9.93 14.94 32.14
CA ARG E 110 -10.83 15.01 31.00
C ARG E 110 -10.74 16.38 30.34
N THR E 111 -10.44 16.39 29.05
CA THR E 111 -10.24 17.61 28.28
C THR E 111 -10.58 17.32 26.82
N LEU E 112 -10.18 18.23 25.93
CA LEU E 112 -10.32 17.99 24.51
C LEU E 112 -9.38 16.87 24.05
N ASN E 113 -9.64 16.39 22.84
CA ASN E 113 -8.77 15.40 22.21
C ASN E 113 -7.99 16.14 21.13
N ILE E 114 -6.75 16.49 21.46
CA ILE E 114 -5.86 17.29 20.59
C ILE E 114 -5.42 16.55 19.31
N PRO E 115 -5.10 15.23 19.31
CA PRO E 115 -4.82 14.59 18.00
C PRO E 115 -5.97 14.57 17.02
N VAL E 116 -7.21 14.39 17.46
CA VAL E 116 -8.29 14.39 16.48
C VAL E 116 -8.68 15.80 16.07
N LEU E 117 -8.27 16.82 16.82
CA LEU E 117 -8.37 18.19 16.33
C LEU E 117 -7.15 18.60 15.53
N THR E 118 -6.05 17.85 15.65
CA THR E 118 -4.89 18.09 14.80
C THR E 118 -5.14 17.57 13.40
N VAL E 119 -5.71 16.37 13.27
CA VAL E 119 -5.88 15.76 11.97
C VAL E 119 -7.09 16.31 11.22
N ILE E 120 -8.00 17.00 11.91
CA ILE E 120 -9.01 17.79 11.21
C ILE E 120 -8.36 18.99 10.53
N GLU E 121 -7.34 19.54 11.19
CA GLU E 121 -6.57 20.64 10.64
C GLU E 121 -5.83 20.18 9.39
N TRP E 122 -5.31 18.95 9.42
CA TRP E 122 -4.60 18.41 8.27
C TRP E 122 -5.51 18.21 7.07
N SER E 123 -6.80 17.95 7.31
CA SER E 123 -7.75 17.84 6.22
C SER E 123 -8.11 19.21 5.64
N GLN E 124 -7.92 20.29 6.41
CA GLN E 124 -8.21 21.63 5.93
C GLN E 124 -7.13 22.17 5.01
N VAL E 125 -5.91 21.65 5.09
CA VAL E 125 -4.79 22.05 4.25
C VAL E 125 -4.49 20.98 3.20
N HIS E 126 -5.39 19.98 3.10
CA HIS E 126 -5.29 18.86 2.13
C HIS E 126 -4.02 18.04 2.33
N PHE E 127 -3.56 17.97 3.58
CA PHE E 127 -2.47 17.08 3.98
C PHE E 127 -3.13 15.78 4.46
N LEU E 128 -3.13 14.77 3.57
CA LEU E 128 -3.77 13.47 3.77
C LEU E 128 -5.27 13.62 4.04
N ARG E 129 -5.99 14.14 3.04
CA ARG E 129 -7.40 14.46 3.26
C ARG E 129 -8.27 13.22 3.29
N GLU E 130 -8.28 12.44 2.20
CA GLU E 130 -9.17 11.28 2.13
C GLU E 130 -8.69 10.12 2.98
N ILE E 131 -7.44 10.13 3.45
CA ILE E 131 -7.00 9.12 4.38
C ILE E 131 -7.55 9.39 5.77
N ILE E 132 -7.44 10.62 6.24
CA ILE E 132 -7.89 11.00 7.58
C ILE E 132 -9.42 11.03 7.66
N GLU E 133 -10.08 11.52 6.61
CA GLU E 133 -11.54 11.54 6.60
C GLU E 133 -12.16 10.14 6.54
N ALA E 134 -11.38 9.12 6.16
CA ALA E 134 -11.84 7.75 6.28
C ALA E 134 -11.60 7.21 7.69
N MET E 135 -10.65 7.78 8.43
CA MET E 135 -10.37 7.32 9.79
C MET E 135 -11.47 7.72 10.76
N LEU E 136 -11.81 9.01 10.82
CA LEU E 136 -12.74 9.50 11.82
C LEU E 136 -14.17 9.10 11.53
N LYS E 137 -14.45 8.70 10.29
CA LYS E 137 -15.81 8.31 9.86
C LYS E 137 -16.12 6.86 10.26
N ALA E 138 -15.26 5.91 9.86
CA ALA E 138 -15.50 4.51 10.17
C ALA E 138 -15.13 4.17 11.61
N TYR E 139 -14.01 4.70 12.09
CA TYR E 139 -13.70 4.69 13.52
C TYR E 139 -14.24 5.98 14.13
N GLN E 140 -15.43 5.92 14.72
CA GLN E 140 -15.98 7.09 15.40
C GLN E 140 -15.17 7.36 16.66
N GLN E 141 -14.79 8.62 16.84
CA GLN E 141 -13.93 9.02 17.95
C GLN E 141 -14.72 9.87 18.94
N LYS E 142 -13.99 10.42 19.90
CA LYS E 142 -14.52 11.33 20.91
C LYS E 142 -13.77 12.64 20.83
N LEU E 143 -14.50 13.76 20.82
CA LEU E 143 -13.85 15.06 20.96
C LEU E 143 -13.32 15.24 22.37
N PHE E 144 -13.98 14.67 23.36
CA PHE E 144 -13.57 14.74 24.75
C PHE E 144 -13.16 13.36 25.23
N VAL E 145 -11.89 13.21 25.61
CA VAL E 145 -11.37 11.94 26.12
C VAL E 145 -10.97 12.11 27.58
N THR E 146 -10.51 11.03 28.20
CA THR E 146 -10.07 11.05 29.60
C THR E 146 -8.93 10.08 29.76
N HIS E 147 -7.71 10.60 29.92
CA HIS E 147 -6.52 9.81 30.16
C HIS E 147 -5.89 10.24 31.48
N THR E 148 -4.77 9.60 31.82
CA THR E 148 -4.06 9.96 33.03
C THR E 148 -3.16 11.16 32.77
N VAL E 149 -2.47 11.61 33.83
CA VAL E 149 -1.60 12.78 33.71
C VAL E 149 -0.33 12.42 32.94
N ASP E 150 0.29 11.29 33.27
CA ASP E 150 1.53 10.88 32.61
C ASP E 150 1.30 10.46 31.17
N GLU E 151 0.09 10.04 30.81
CA GLU E 151 -0.20 9.76 29.41
C GLU E 151 -0.38 11.04 28.61
N LEU E 152 -1.22 11.96 29.10
CA LEU E 152 -1.54 13.20 28.39
C LEU E 152 -0.35 14.15 28.25
N LEU E 153 0.69 13.97 29.05
CA LEU E 153 1.81 14.89 29.04
C LEU E 153 3.12 14.26 28.59
N TRP E 154 3.25 12.93 28.66
CA TRP E 154 4.50 12.27 28.32
C TRP E 154 4.28 11.10 27.38
N GLY E 155 3.40 11.27 26.40
CA GLY E 155 3.23 10.28 25.36
C GLY E 155 2.12 9.27 25.59
N TYR E 156 1.24 9.12 24.62
CA TYR E 156 0.23 8.08 24.66
C TYR E 156 -0.15 7.70 23.24
N LYS E 157 -0.37 6.41 23.03
CA LYS E 157 -0.69 5.88 21.71
C LYS E 157 -2.10 6.32 21.32
N ASP E 158 -2.20 7.18 20.32
CA ASP E 158 -3.48 7.59 19.79
C ASP E 158 -4.00 6.53 18.83
N GLU E 159 -5.33 6.45 18.70
CA GLU E 159 -5.93 5.52 17.76
C GLU E 159 -5.67 5.95 16.33
N ILE E 160 -6.02 7.19 15.99
CA ILE E 160 -5.96 7.65 14.61
C ILE E 160 -4.51 7.87 14.17
N LEU E 161 -3.66 8.34 15.07
CA LEU E 161 -2.25 8.56 14.71
C LEU E 161 -1.49 7.25 14.55
N SER E 162 -1.98 6.15 15.11
CA SER E 162 -1.40 4.83 14.85
C SER E 162 -1.84 4.27 13.50
N LEU E 163 -2.81 4.91 12.85
CA LEU E 163 -3.25 4.46 11.54
C LEU E 163 -2.63 5.29 10.44
N ILE E 164 -2.28 6.54 10.74
CA ILE E 164 -1.57 7.37 9.79
C ILE E 164 -0.12 6.88 9.65
N HIS E 165 0.41 6.24 10.70
CA HIS E 165 1.80 5.81 10.70
C HIS E 165 2.07 4.70 9.68
N VAL E 166 1.07 3.87 9.38
CA VAL E 166 1.29 2.82 8.38
C VAL E 166 1.12 3.33 6.96
N PHE E 167 0.45 4.47 6.76
CA PHE E 167 0.44 5.10 5.45
C PHE E 167 1.65 6.00 5.26
N ARG E 168 1.94 6.81 6.27
CA ARG E 168 3.10 7.70 6.26
C ARG E 168 4.00 7.26 7.40
N PRO E 169 5.21 6.76 7.09
CA PRO E 169 6.05 6.26 8.18
C PRO E 169 6.76 7.34 8.98
N ASP E 170 6.66 8.62 8.59
CA ASP E 170 7.33 9.66 9.34
C ASP E 170 6.54 10.11 10.56
N ILE E 171 5.23 9.87 10.59
CA ILE E 171 4.38 10.36 11.67
C ILE E 171 4.57 9.47 12.88
N SER E 172 4.81 10.09 14.04
CA SER E 172 4.92 9.33 15.27
C SER E 172 3.53 9.00 15.81
N PRO E 173 3.24 7.73 16.11
CA PRO E 173 1.90 7.37 16.59
C PRO E 173 1.65 7.78 18.03
N TYR E 174 2.66 8.21 18.76
CA TYR E 174 2.52 8.65 20.14
C TYR E 174 2.41 10.17 20.17
N PHE E 175 1.31 10.67 20.74
CA PHE E 175 1.14 12.10 20.93
C PHE E 175 1.40 12.44 22.39
N GLY E 176 2.01 13.60 22.61
CA GLY E 176 2.15 14.12 23.96
C GLY E 176 2.35 15.62 23.89
N LEU E 177 1.93 16.29 24.97
CA LEU E 177 2.12 17.73 25.07
C LEU E 177 3.60 18.09 25.12
N PHE E 178 4.36 17.37 25.96
CA PHE E 178 5.80 17.51 26.01
C PHE E 178 6.46 16.19 25.61
N TYR E 179 6.02 15.63 24.48
CA TYR E 179 6.55 14.36 24.00
C TYR E 179 7.96 14.55 23.45
N GLU E 180 8.85 13.63 23.83
CA GLU E 180 10.28 13.64 23.47
C GLU E 180 10.97 14.94 23.90
N LYS E 181 10.58 15.44 25.06
CA LYS E 181 11.24 16.59 25.67
C LYS E 181 12.00 16.23 26.93
N ASN E 182 11.94 14.97 27.37
CA ASN E 182 12.74 14.52 28.50
C ASN E 182 14.13 14.17 28.00
N GLY E 183 15.13 14.97 28.37
CA GLY E 183 16.49 14.66 27.99
C GLY E 183 16.83 14.95 26.55
N THR E 184 16.00 15.73 25.86
CA THR E 184 16.28 16.18 24.51
C THR E 184 16.35 17.70 24.48
N ASN E 185 16.95 18.22 23.43
CA ASN E 185 17.20 19.65 23.29
C ASN E 185 16.13 20.29 22.40
N ASP E 186 16.04 21.63 22.49
CA ASP E 186 15.08 22.38 21.70
C ASP E 186 15.78 23.27 20.69
N GLY E 187 16.81 22.73 20.04
CA GLY E 187 17.56 23.47 19.04
C GLY E 187 19.05 23.48 19.32
N ASP E 188 19.85 23.71 18.28
CA ASP E 188 21.30 23.80 18.42
C ASP E 188 21.65 25.27 18.58
N TYR E 189 21.79 25.71 19.84
CA TYR E 189 21.93 27.12 20.14
C TYR E 189 23.35 27.60 19.88
N VAL E 190 23.47 28.90 19.62
CA VAL E 190 24.76 29.59 19.55
C VAL E 190 24.58 30.94 20.26
N PHE E 191 25.59 31.33 21.02
CA PHE E 191 25.48 32.50 21.89
C PHE E 191 26.61 33.49 21.61
N LEU E 192 26.59 34.60 22.34
CA LEU E 192 27.63 35.63 22.28
C LEU E 192 28.04 35.96 23.71
N THR E 193 29.23 35.51 24.11
CA THR E 193 29.71 35.77 25.46
C THR E 193 30.20 37.21 25.58
N GLY E 194 30.57 37.58 26.81
CA GLY E 194 30.95 38.94 27.12
C GLY E 194 32.45 39.17 27.09
N GLU E 195 33.12 38.59 26.10
CA GLU E 195 34.53 38.88 25.90
C GLU E 195 34.71 40.14 25.06
N ASP E 196 33.71 40.48 24.24
CA ASP E 196 33.78 41.71 23.46
C ASP E 196 33.05 42.86 24.13
N SER E 197 31.86 42.61 24.68
CA SER E 197 31.08 43.65 25.35
C SER E 197 30.13 42.99 26.33
N TYR E 198 29.86 43.69 27.43
CA TYR E 198 28.95 43.18 28.45
C TYR E 198 27.50 43.60 28.23
N LEU E 199 27.20 44.28 27.12
CA LEU E 199 25.80 44.52 26.77
C LEU E 199 25.18 43.27 26.15
N ASN E 200 25.88 42.63 25.22
CA ASN E 200 25.43 41.39 24.62
C ASN E 200 26.19 40.21 25.24
N PHE E 201 25.59 39.67 26.31
CA PHE E 201 26.11 38.49 26.99
C PHE E 201 25.11 37.36 26.83
N THR E 202 25.63 36.17 26.47
CA THR E 202 24.93 34.94 26.07
C THR E 202 23.68 35.19 25.21
N LYS E 203 23.79 36.10 24.25
CA LYS E 203 22.68 36.51 23.40
C LYS E 203 22.55 35.55 22.22
N ILE E 204 21.30 35.15 21.93
CA ILE E 204 21.04 34.27 20.79
C ILE E 204 21.26 35.03 19.49
N VAL E 205 22.17 34.53 18.66
CA VAL E 205 22.48 35.17 17.39
C VAL E 205 21.96 34.37 16.19
N GLU E 206 21.97 33.04 16.24
CA GLU E 206 21.45 32.20 15.18
C GLU E 206 20.78 30.99 15.81
N TRP E 207 20.02 30.27 14.99
CA TRP E 207 19.22 29.14 15.46
C TRP E 207 19.30 28.03 14.42
N ASN E 208 20.00 26.94 14.78
CA ASN E 208 20.16 25.74 13.94
C ASN E 208 20.79 26.06 12.59
N GLY E 209 21.69 27.05 12.55
CA GLY E 209 22.25 27.56 11.33
C GLY E 209 21.49 28.73 10.75
N LYS E 210 20.17 28.75 10.90
CA LYS E 210 19.35 29.85 10.40
C LYS E 210 19.56 31.08 11.25
N THR E 211 19.53 32.25 10.61
CA THR E 211 19.77 33.50 11.32
C THR E 211 18.59 33.86 12.22
N SER E 212 17.38 33.87 11.66
CA SER E 212 16.19 34.24 12.40
C SER E 212 15.03 33.38 11.90
N LEU E 213 13.82 33.74 12.31
CA LEU E 213 12.63 32.97 11.96
C LEU E 213 12.29 33.16 10.49
N ASP E 214 11.39 32.31 9.98
CA ASP E 214 11.07 32.35 8.56
C ASP E 214 9.59 32.23 8.24
N TRP E 215 8.71 32.02 9.22
CA TRP E 215 7.31 31.79 8.93
C TRP E 215 6.41 32.99 9.17
N TRP E 216 6.92 34.08 9.74
CA TRP E 216 6.08 35.24 10.00
C TRP E 216 5.93 36.07 8.73
N ILE E 217 5.12 37.12 8.82
CA ILE E 217 4.77 37.93 7.65
C ILE E 217 5.94 38.81 7.23
N THR E 218 6.35 39.74 8.09
CA THR E 218 7.37 40.71 7.74
C THR E 218 8.72 40.28 8.31
N ASP E 219 9.79 40.85 7.74
CA ASP E 219 11.14 40.57 8.21
C ASP E 219 11.45 41.28 9.52
N LYS E 220 10.63 42.26 9.92
CA LYS E 220 10.68 42.76 11.28
C LYS E 220 10.11 41.75 12.26
N CYS E 221 9.08 41.01 11.85
CA CYS E 221 8.46 40.02 12.72
C CYS E 221 9.33 38.79 12.91
N ASN E 222 10.27 38.54 12.01
CA ASN E 222 11.09 37.34 12.07
C ASN E 222 12.26 37.44 13.04
N MET E 223 12.60 38.65 13.49
CA MET E 223 13.88 38.87 14.17
C MET E 223 13.89 38.26 15.56
N ILE E 224 14.87 37.39 15.81
CA ILE E 224 15.06 36.78 17.12
C ILE E 224 15.94 37.73 17.94
N ASN E 225 15.46 38.11 19.12
CA ASN E 225 16.17 39.02 20.00
C ASN E 225 16.55 38.34 21.30
N GLY E 226 17.66 38.80 21.88
CA GLY E 226 17.95 38.51 23.27
C GLY E 226 18.46 37.11 23.51
N THR E 227 18.18 36.61 24.70
CA THR E 227 18.71 35.36 25.21
C THR E 227 17.62 34.30 25.25
N ASP E 228 17.98 33.12 25.77
CA ASP E 228 17.00 32.08 26.01
C ASP E 228 16.29 32.26 27.36
N GLY E 229 16.89 33.00 28.29
CA GLY E 229 16.27 33.30 29.56
C GLY E 229 16.90 32.66 30.78
N ASP E 230 18.09 32.06 30.65
CA ASP E 230 18.72 31.37 31.76
C ASP E 230 19.48 32.31 32.69
N SER E 231 20.27 33.22 32.14
CA SER E 231 20.92 34.27 32.90
C SER E 231 21.19 35.44 31.96
N PHE E 232 21.15 36.65 32.49
CA PHE E 232 21.24 37.85 31.68
C PHE E 232 22.61 38.51 31.85
N HIS E 233 22.75 39.68 31.21
CA HIS E 233 23.94 40.49 31.34
C HIS E 233 23.81 41.43 32.53
N PRO E 234 24.90 41.70 33.25
CA PRO E 234 24.83 42.53 34.45
C PRO E 234 24.75 44.02 34.10
N LEU E 235 24.74 44.84 35.16
CA LEU E 235 24.56 46.29 35.10
C LEU E 235 23.25 46.65 34.40
N ILE E 236 22.14 46.29 35.04
CA ILE E 236 20.80 46.52 34.52
C ILE E 236 20.30 47.85 35.06
N THR E 237 19.75 48.68 34.17
CA THR E 237 19.11 49.92 34.58
C THR E 237 17.59 49.76 34.58
N LYS E 238 16.92 50.82 35.05
CA LYS E 238 15.47 50.82 35.16
C LYS E 238 14.80 51.17 33.84
N ASP E 239 15.49 51.92 32.98
CA ASP E 239 14.89 52.44 31.76
C ASP E 239 15.18 51.61 30.51
N GLU E 240 16.13 50.69 30.56
CA GLU E 240 16.42 49.89 29.38
C GLU E 240 15.41 48.73 29.28
N VAL E 241 15.35 48.15 28.08
CA VAL E 241 14.39 47.10 27.76
C VAL E 241 15.15 45.82 27.46
N LEU E 242 14.84 44.76 28.19
CA LEU E 242 15.47 43.46 27.98
C LEU E 242 14.59 42.62 27.06
N TYR E 243 15.23 41.77 26.26
CA TYR E 243 14.54 40.96 25.25
C TYR E 243 14.80 39.48 25.52
N VAL E 244 13.75 38.67 25.45
CA VAL E 244 13.82 37.25 25.75
C VAL E 244 13.22 36.47 24.57
N PHE E 245 13.95 35.45 24.11
CA PHE E 245 13.44 34.53 23.10
C PHE E 245 13.34 33.13 23.69
N PRO E 246 12.18 32.72 24.20
CA PRO E 246 12.00 31.31 24.55
C PRO E 246 11.67 30.50 23.30
N SER E 247 12.07 29.24 23.30
CA SER E 247 11.86 28.36 22.16
C SER E 247 10.43 27.83 22.07
N ASP E 248 9.59 28.12 23.06
CA ASP E 248 8.21 27.64 23.05
C ASP E 248 7.24 28.65 22.47
N PHE E 249 7.53 29.95 22.61
CA PHE E 249 6.58 30.98 22.21
C PHE E 249 6.71 31.36 20.73
N CYS E 250 7.85 31.05 20.12
CA CYS E 250 8.13 31.20 18.69
C CYS E 250 8.14 32.66 18.23
N ARG E 251 8.41 33.59 19.14
CA ARG E 251 8.93 34.91 18.78
C ARG E 251 9.74 35.42 19.97
N SER E 252 10.35 36.59 19.79
CA SER E 252 11.09 37.24 20.86
C SER E 252 10.20 38.23 21.60
N VAL E 253 10.17 38.11 22.92
CA VAL E 253 9.35 38.98 23.75
C VAL E 253 10.27 39.97 24.45
N TYR E 254 9.68 40.96 25.09
CA TYR E 254 10.40 41.85 25.99
C TYR E 254 9.68 41.92 27.33
N ILE E 255 10.33 42.60 28.27
CA ILE E 255 9.84 42.71 29.64
C ILE E 255 9.99 44.17 30.10
N THR E 256 8.99 44.65 30.84
CA THR E 256 8.96 46.03 31.31
C THR E 256 9.05 46.06 32.84
N PHE E 257 9.46 47.22 33.35
CA PHE E 257 9.66 47.37 34.79
C PHE E 257 8.34 47.42 35.54
N SER E 258 8.31 46.79 36.72
CA SER E 258 7.09 46.67 37.50
C SER E 258 7.13 47.46 38.80
N ASP E 259 8.06 47.14 39.71
CA ASP E 259 8.06 47.73 41.06
C ASP E 259 9.41 47.45 41.70
N TYR E 260 9.51 47.83 42.98
CA TYR E 260 10.67 47.53 43.81
C TYR E 260 10.39 46.30 44.65
N GLU E 261 11.27 45.31 44.55
CA GLU E 261 11.14 44.07 45.31
C GLU E 261 12.34 43.92 46.23
N SER E 262 12.30 42.90 47.08
CA SER E 262 13.38 42.64 48.02
C SER E 262 13.65 41.15 48.19
N VAL E 263 14.61 40.64 47.41
CA VAL E 263 14.98 39.23 47.48
C VAL E 263 16.02 39.00 48.57
N GLN E 264 15.61 38.36 49.65
CA GLN E 264 16.49 38.07 50.77
C GLN E 264 17.29 39.30 51.24
N GLY E 265 18.46 39.50 50.65
CA GLY E 265 19.30 40.63 51.00
C GLY E 265 20.08 41.16 49.82
N LEU E 266 19.40 41.33 48.68
CA LEU E 266 20.05 41.84 47.48
C LEU E 266 19.09 42.70 46.68
N PRO E 267 19.64 43.57 45.81
CA PRO E 267 18.83 44.47 44.97
C PRO E 267 18.05 43.66 43.93
N ALA E 268 16.90 44.17 43.51
CA ALA E 268 16.09 43.47 42.52
C ALA E 268 15.33 44.46 41.67
N PHE E 269 15.36 44.24 40.35
CA PHE E 269 14.52 44.97 39.40
C PHE E 269 13.50 43.96 38.86
N ARG E 270 12.27 44.03 39.38
CA ARG E 270 11.21 43.16 38.91
C ARG E 270 10.78 43.58 37.51
N TYR E 271 10.99 42.69 36.54
CA TYR E 271 10.54 42.90 35.18
C TYR E 271 9.46 41.90 34.86
N LYS E 272 8.40 42.37 34.20
CA LYS E 272 7.24 41.55 33.89
C LYS E 272 6.92 41.63 32.40
N VAL E 273 6.40 40.53 31.88
CA VAL E 273 5.93 40.45 30.49
C VAL E 273 4.68 41.29 30.36
N PRO E 274 4.70 42.34 29.54
CA PRO E 274 3.58 43.28 29.50
C PRO E 274 2.44 42.74 28.63
N ALA E 275 1.37 43.52 28.55
CA ALA E 275 0.25 43.19 27.69
C ALA E 275 0.53 43.47 26.22
N GLU E 276 1.56 44.28 25.94
CA GLU E 276 1.87 44.72 24.59
C GLU E 276 2.75 43.73 23.82
N ILE E 277 3.00 42.55 24.38
CA ILE E 277 3.59 41.48 23.60
C ILE E 277 2.57 40.95 22.60
N LEU E 278 1.33 40.74 23.06
CA LEU E 278 0.27 40.15 22.25
C LEU E 278 -0.93 41.07 22.13
N ALA E 279 -0.72 42.37 22.23
CA ALA E 279 -1.82 43.32 22.14
C ALA E 279 -2.28 43.51 20.70
N ASN E 280 -3.28 44.37 20.52
CA ASN E 280 -3.75 44.71 19.17
C ASN E 280 -3.13 46.04 18.78
N THR E 281 -1.87 45.98 18.37
CA THR E 281 -1.13 47.15 17.93
C THR E 281 -0.85 47.04 16.43
N SER E 282 -0.29 48.12 15.87
CA SER E 282 0.13 48.08 14.47
C SER E 282 1.39 47.26 14.29
N ASP E 283 2.18 47.09 15.35
CA ASP E 283 3.34 46.21 15.28
C ASP E 283 2.91 44.74 15.38
N ASN E 284 1.95 44.44 16.25
CA ASN E 284 1.47 43.09 16.46
C ASN E 284 0.37 42.70 15.49
N ALA E 285 0.03 43.58 14.54
CA ALA E 285 -0.88 43.19 13.47
C ALA E 285 -0.25 42.17 12.52
N GLY E 286 1.08 42.21 12.37
CA GLY E 286 1.80 41.29 11.51
C GLY E 286 2.13 39.95 12.12
N PHE E 287 1.65 39.69 13.35
CA PHE E 287 1.81 38.39 13.97
C PHE E 287 0.54 37.56 13.94
N CYS E 288 -0.47 38.01 13.19
CA CYS E 288 -1.67 37.22 12.94
C CYS E 288 -1.60 36.76 11.49
N ILE E 289 -1.63 35.44 11.30
CA ILE E 289 -1.33 34.80 10.03
C ILE E 289 -2.64 34.36 9.38
N PRO E 290 -2.85 34.56 8.06
CA PRO E 290 -1.97 35.17 7.06
C PRO E 290 -2.09 36.68 6.86
N GLU E 291 -3.29 37.23 6.99
CA GLU E 291 -3.56 38.59 6.52
C GLU E 291 -3.89 39.56 7.65
N GLY E 292 -3.41 39.26 8.86
CA GLY E 292 -3.58 40.17 9.97
C GLY E 292 -4.91 40.12 10.67
N ASN E 293 -5.80 39.22 10.26
CA ASN E 293 -7.09 39.06 10.93
C ASN E 293 -6.86 38.26 12.21
N CYS E 294 -6.89 38.94 13.35
CA CYS E 294 -6.57 38.36 14.64
C CYS E 294 -7.82 37.78 15.28
N LEU E 295 -7.63 36.67 15.99
CA LEU E 295 -8.74 36.10 16.78
C LEU E 295 -9.07 36.98 17.97
N GLY E 296 -8.10 37.71 18.49
CA GLY E 296 -8.33 38.60 19.60
C GLY E 296 -7.00 39.09 20.16
N SER E 297 -7.13 39.98 21.14
CA SER E 297 -5.96 40.49 21.83
C SER E 297 -5.51 39.51 22.90
N GLY E 298 -4.19 39.34 23.04
CA GLY E 298 -3.63 38.48 24.05
C GLY E 298 -3.43 37.04 23.62
N VAL E 299 -3.84 36.67 22.40
CA VAL E 299 -3.69 35.30 21.93
C VAL E 299 -2.74 35.30 20.74
N LEU E 300 -2.19 34.12 20.44
CA LEU E 300 -1.22 33.97 19.35
C LEU E 300 -1.36 32.59 18.74
N ASN E 301 -1.49 32.56 17.42
CA ASN E 301 -1.47 31.32 16.65
C ASN E 301 -0.03 30.81 16.55
N VAL E 302 0.22 29.59 17.02
CA VAL E 302 1.56 29.01 16.96
C VAL E 302 1.52 27.67 16.23
N SER E 303 0.55 27.50 15.34
CA SER E 303 0.34 26.22 14.67
C SER E 303 1.45 25.84 13.69
N ILE E 304 2.29 26.79 13.30
CA ILE E 304 3.39 26.47 12.39
C ILE E 304 4.50 25.74 13.12
N CYS E 305 4.92 26.26 14.28
CA CYS E 305 6.07 25.75 14.99
C CYS E 305 5.72 24.65 15.99
N LYS E 306 4.61 23.95 15.79
CA LYS E 306 4.31 22.71 16.52
C LYS E 306 3.96 21.59 15.55
N ASN E 307 4.42 21.70 14.30
CA ASN E 307 4.20 20.71 13.23
C ASN E 307 2.71 20.49 12.95
N GLY E 308 1.99 21.59 12.75
CA GLY E 308 0.61 21.55 12.31
C GLY E 308 -0.43 21.37 13.39
N ALA E 309 -0.08 21.55 14.66
CA ALA E 309 -1.06 21.36 15.71
C ALA E 309 -1.78 22.67 16.01
N PRO E 310 -3.13 22.67 16.08
CA PRO E 310 -3.86 23.93 16.33
C PRO E 310 -3.74 24.42 17.76
N ILE E 311 -2.60 25.01 18.09
CA ILE E 311 -2.29 25.43 19.46
C ILE E 311 -2.31 26.95 19.51
N ILE E 312 -2.81 27.49 20.62
CA ILE E 312 -2.78 28.93 20.90
C ILE E 312 -1.94 29.15 22.15
N MET E 313 -0.96 30.05 22.05
CA MET E 313 -0.18 30.44 23.22
C MET E 313 -0.68 31.78 23.75
N SER E 314 -0.97 31.81 25.06
CA SER E 314 -1.51 33.00 25.69
C SER E 314 -1.18 32.96 27.17
N PHE E 315 -1.52 34.06 27.85
CA PHE E 315 -1.42 34.11 29.29
C PHE E 315 -2.48 33.19 29.91
N PRO E 316 -2.25 32.73 31.15
CA PRO E 316 -3.27 31.90 31.81
C PRO E 316 -4.53 32.68 32.10
N HIS E 317 -5.68 32.01 31.90
CA HIS E 317 -7.03 32.51 32.21
C HIS E 317 -7.36 33.79 31.45
N PHE E 318 -6.77 33.95 30.25
CA PHE E 318 -6.95 35.11 29.38
C PHE E 318 -6.58 36.42 30.10
N TYR E 319 -5.48 36.39 30.85
CA TYR E 319 -5.03 37.59 31.53
C TYR E 319 -4.44 38.57 30.53
N GLN E 320 -4.86 39.85 30.67
CA GLN E 320 -4.56 40.93 29.72
C GLN E 320 -4.99 40.56 28.31
N ALA E 321 -6.14 39.91 28.19
CA ALA E 321 -6.71 39.48 26.93
C ALA E 321 -8.14 40.00 26.83
N ASP E 322 -8.86 39.55 25.81
CA ASP E 322 -10.21 40.05 25.56
C ASP E 322 -11.19 39.44 26.55
N GLU E 323 -12.25 40.20 26.85
CA GLU E 323 -13.23 39.79 27.86
C GLU E 323 -14.32 38.88 27.27
N ARG E 324 -14.57 38.96 25.96
CA ARG E 324 -15.55 38.09 25.33
C ARG E 324 -15.08 36.65 25.25
N PHE E 325 -13.79 36.39 25.45
CA PHE E 325 -13.30 35.03 25.63
C PHE E 325 -13.38 34.59 27.09
N VAL E 326 -13.30 35.55 28.02
CA VAL E 326 -13.42 35.23 29.44
C VAL E 326 -14.84 34.79 29.77
N SER E 327 -15.83 35.50 29.22
CA SER E 327 -17.22 35.15 29.45
C SER E 327 -17.67 33.92 28.67
N ALA E 328 -16.86 33.42 27.74
CA ALA E 328 -17.19 32.21 27.00
C ALA E 328 -16.92 30.94 27.79
N ILE E 329 -16.02 30.99 28.77
CA ILE E 329 -15.67 29.84 29.59
C ILE E 329 -15.96 30.18 31.04
N GLU E 330 -16.80 29.36 31.69
CA GLU E 330 -17.13 29.56 33.10
C GLU E 330 -15.98 29.08 33.96
N GLY E 331 -15.28 30.01 34.62
CA GLY E 331 -14.17 29.66 35.47
C GLY E 331 -12.91 30.44 35.19
N MET E 332 -12.94 31.30 34.17
CA MET E 332 -11.81 32.16 33.85
C MET E 332 -11.87 33.41 34.72
N HIS E 333 -10.98 33.50 35.71
CA HIS E 333 -10.92 34.67 36.58
C HIS E 333 -9.46 35.09 36.72
N PRO E 334 -8.93 35.86 35.77
CA PRO E 334 -7.54 36.28 35.84
C PRO E 334 -7.32 37.41 36.82
N ASN E 335 -6.14 37.41 37.43
CA ASN E 335 -5.72 38.48 38.33
C ASN E 335 -4.24 38.76 38.10
N GLN E 336 -3.71 39.75 38.81
CA GLN E 336 -2.33 40.15 38.62
C GLN E 336 -1.36 39.18 39.28
N GLU E 337 -1.60 38.85 40.55
CA GLU E 337 -0.59 38.21 41.37
C GLU E 337 -0.37 36.75 40.98
N ASP E 338 -1.42 36.07 40.54
CA ASP E 338 -1.35 34.63 40.40
C ASP E 338 -1.06 34.16 38.98
N HIS E 339 -1.36 34.95 37.95
CA HIS E 339 -1.28 34.45 36.58
C HIS E 339 -0.57 35.42 35.65
N GLU E 340 0.60 35.89 36.07
CA GLU E 340 1.46 36.73 35.25
C GLU E 340 2.77 36.00 34.98
N THR E 341 3.69 36.67 34.29
CA THR E 341 5.04 36.18 34.09
C THR E 341 6.01 37.27 34.54
N PHE E 342 6.94 36.91 35.42
CA PHE E 342 7.87 37.88 35.97
C PHE E 342 9.24 37.25 36.14
N VAL E 343 10.21 38.09 36.51
CA VAL E 343 11.58 37.66 36.76
C VAL E 343 12.22 38.65 37.72
N ASP E 344 12.92 38.13 38.73
CA ASP E 344 13.74 38.94 39.61
C ASP E 344 15.20 38.78 39.21
N ILE E 345 15.82 39.91 38.88
CA ILE E 345 17.20 39.95 38.40
C ILE E 345 17.99 40.81 39.37
N ASN E 346 19.18 40.36 39.72
CA ASN E 346 20.11 41.20 40.46
C ASN E 346 20.60 42.28 39.50
N PRO E 347 20.38 43.58 39.79
CA PRO E 347 20.83 44.62 38.85
C PRO E 347 22.34 44.77 38.77
N LEU E 348 23.08 44.30 39.78
CA LEU E 348 24.52 44.49 39.80
C LEU E 348 25.24 43.34 39.10
N THR E 349 24.72 42.12 39.22
CA THR E 349 25.40 40.94 38.71
C THR E 349 24.62 40.18 37.64
N GLY E 350 23.35 40.49 37.41
CA GLY E 350 22.61 39.86 36.33
C GLY E 350 22.17 38.44 36.59
N ILE E 351 22.40 37.92 37.78
CA ILE E 351 21.96 36.57 38.14
C ILE E 351 20.48 36.62 38.47
N ILE E 352 19.70 35.78 37.79
CA ILE E 352 18.25 35.73 38.00
C ILE E 352 17.97 35.19 39.40
N LEU E 353 17.27 36.00 40.20
CA LEU E 353 16.96 35.65 41.57
C LEU E 353 15.75 34.74 41.67
N LYS E 354 14.60 35.18 41.15
CA LYS E 354 13.35 34.45 41.33
C LYS E 354 12.44 34.77 40.16
N ALA E 355 12.21 33.77 39.30
CA ALA E 355 11.41 33.96 38.10
C ALA E 355 10.24 33.00 38.13
N ALA E 356 9.26 33.27 37.25
CA ALA E 356 8.08 32.43 37.15
C ALA E 356 7.52 32.62 35.73
N LYS E 357 7.67 31.59 34.90
CA LYS E 357 7.22 31.63 33.51
C LYS E 357 5.87 30.92 33.40
N ARG E 358 4.81 31.70 33.23
CA ARG E 358 3.45 31.16 33.18
C ARG E 358 2.81 31.46 31.83
N PHE E 359 2.51 30.40 31.08
CA PHE E 359 1.94 30.48 29.75
C PHE E 359 0.89 29.40 29.58
N GLN E 360 -0.17 29.72 28.84
CA GLN E 360 -1.30 28.81 28.67
C GLN E 360 -1.27 28.21 27.27
N ILE E 361 -1.45 26.89 27.19
CA ILE E 361 -1.61 26.18 25.92
C ILE E 361 -3.10 25.98 25.69
N ASN E 362 -3.62 26.60 24.64
CA ASN E 362 -5.01 26.52 24.26
C ASN E 362 -5.15 25.80 22.92
N ILE E 363 -6.33 25.24 22.70
CA ILE E 363 -6.64 24.53 21.45
C ILE E 363 -7.87 25.18 20.83
N TYR E 364 -7.72 25.64 19.59
CA TYR E 364 -8.80 26.29 18.88
C TYR E 364 -9.83 25.27 18.41
N VAL E 365 -11.11 25.61 18.57
CA VAL E 365 -12.22 24.76 18.16
C VAL E 365 -13.22 25.56 17.34
N LYS E 366 -13.86 24.89 16.37
CA LYS E 366 -14.93 25.48 15.59
C LYS E 366 -15.77 24.36 14.98
N LYS E 367 -17.05 24.66 14.76
CA LYS E 367 -18.00 23.68 14.24
C LYS E 367 -17.83 23.54 12.74
N LEU E 368 -17.40 22.36 12.30
CA LEU E 368 -17.22 22.06 10.88
C LEU E 368 -18.18 20.93 10.52
N ASP E 369 -18.94 21.15 9.45
CA ASP E 369 -20.03 20.23 9.09
C ASP E 369 -19.53 18.91 8.51
N ASP E 370 -18.29 18.86 8.02
CA ASP E 370 -17.75 17.61 7.49
C ASP E 370 -17.19 16.71 8.59
N PHE E 371 -17.12 17.17 9.83
CA PHE E 371 -16.72 16.36 10.97
C PHE E 371 -17.84 16.40 12.01
N VAL E 372 -18.57 15.31 12.13
CA VAL E 372 -19.78 15.27 12.95
C VAL E 372 -19.48 14.83 14.37
N GLU E 373 -18.21 14.93 14.78
CA GLU E 373 -17.84 14.73 16.17
C GLU E 373 -17.79 16.05 16.95
N THR E 374 -17.78 17.19 16.25
CA THR E 374 -17.72 18.47 16.93
C THR E 374 -19.07 18.90 17.50
N GLY E 375 -20.15 18.21 17.13
CA GLY E 375 -21.46 18.50 17.68
C GLY E 375 -22.04 19.80 17.18
N ASP E 376 -22.31 20.73 18.10
CA ASP E 376 -22.81 22.06 17.79
C ASP E 376 -21.97 23.12 18.49
N ILE E 377 -20.65 22.93 18.49
CA ILE E 377 -19.75 23.71 19.35
C ILE E 377 -19.59 25.12 18.82
N ARG E 378 -19.46 26.09 19.72
CA ARG E 378 -19.24 27.47 19.32
C ARG E 378 -17.78 27.68 18.94
N THR E 379 -17.55 28.62 18.03
CA THR E 379 -16.19 29.04 17.69
C THR E 379 -15.63 29.86 18.83
N MET E 380 -14.58 29.35 19.48
CA MET E 380 -14.07 29.91 20.71
C MET E 380 -12.63 29.45 20.89
N VAL E 381 -12.06 29.80 22.04
CA VAL E 381 -10.73 29.38 22.44
C VAL E 381 -10.88 28.58 23.73
N PHE E 382 -10.28 27.40 23.78
CA PHE E 382 -10.65 26.54 24.90
C PHE E 382 -9.46 26.33 25.84
N PRO E 383 -9.66 26.33 27.15
CA PRO E 383 -8.54 26.11 28.08
C PRO E 383 -8.17 24.64 28.20
N VAL E 384 -6.87 24.37 28.12
CA VAL E 384 -6.39 23.00 28.27
C VAL E 384 -5.49 22.89 29.49
N MET E 385 -4.38 23.61 29.47
CA MET E 385 -3.39 23.49 30.54
C MET E 385 -2.51 24.73 30.56
N TYR E 386 -1.90 24.98 31.72
CA TYR E 386 -0.84 25.96 31.84
C TYR E 386 0.06 25.53 32.97
N LEU E 387 1.19 26.22 33.12
CA LEU E 387 2.21 25.75 34.05
C LEU E 387 3.02 26.92 34.57
N ASN E 388 3.42 26.83 35.83
CA ASN E 388 4.29 27.82 36.46
C ASN E 388 5.68 27.19 36.59
N GLU E 389 6.58 27.56 35.69
CA GLU E 389 7.98 27.18 35.80
C GLU E 389 8.68 28.21 36.67
N SER E 390 9.05 27.82 37.89
CA SER E 390 9.65 28.72 38.85
C SER E 390 11.10 28.33 39.13
N VAL E 391 11.95 29.35 39.29
CA VAL E 391 13.33 29.17 39.70
C VAL E 391 13.53 30.06 40.93
N HIS E 392 14.41 29.63 41.83
CA HIS E 392 14.55 30.28 43.13
C HIS E 392 15.94 30.07 43.68
N ILE E 393 16.51 31.12 44.26
CA ILE E 393 17.84 31.06 44.86
C ILE E 393 17.69 30.92 46.38
N ASP E 394 18.41 29.94 46.93
CA ASP E 394 18.22 29.56 48.33
C ASP E 394 18.99 30.51 49.26
N LYS E 395 19.08 30.13 50.54
CA LYS E 395 19.66 31.04 51.53
C LYS E 395 21.18 31.08 51.46
N GLU E 396 21.83 29.93 51.27
CA GLU E 396 23.29 29.87 51.31
C GLU E 396 23.92 30.56 50.09
N THR E 397 23.39 30.29 48.89
CA THR E 397 23.97 30.88 47.70
C THR E 397 23.56 32.34 47.51
N ALA E 398 22.55 32.82 48.24
CA ALA E 398 22.28 34.25 48.26
C ALA E 398 23.36 34.99 49.04
N SER E 399 23.80 34.42 50.16
CA SER E 399 24.87 35.03 50.95
C SER E 399 26.23 34.94 50.27
N ARG E 400 26.39 34.03 49.30
CA ARG E 400 27.61 34.01 48.50
C ARG E 400 27.66 35.19 47.56
N LEU E 401 26.51 35.68 47.12
CA LEU E 401 26.46 36.83 46.21
C LEU E 401 26.32 38.15 46.95
N LYS E 402 26.07 38.12 48.26
CA LYS E 402 26.04 39.34 49.07
C LYS E 402 27.42 39.98 49.21
N SER E 403 28.49 39.22 49.00
CA SER E 403 29.84 39.76 49.12
C SER E 403 30.17 40.67 47.94
N MET E 404 29.99 40.16 46.73
CA MET E 404 30.30 40.95 45.53
C MET E 404 29.25 42.02 45.30
#